data_3RXZ
#
_entry.id   3RXZ
#
_cell.length_a   80.212
_cell.length_b   59.592
_cell.length_c   130.387
_cell.angle_alpha   90.00
_cell.angle_beta   95.35
_cell.angle_gamma   90.00
#
_symmetry.space_group_name_H-M   'P 1 21 1'
#
loop_
_entity.id
_entity.type
_entity.pdbx_description
1 polymer 'Polysaccharide deacetylase'
2 non-polymer 'CHLORIDE ION'
3 non-polymer 'ZINC ION'
4 water water
#
_entity_poly.entity_id   1
_entity_poly.type   'polypeptide(L)'
_entity_poly.pdbx_seq_one_letter_code
;SNA(MSE)TDSTTELTPAAPVSWPDGKTCAVAFTFDVDAESPLLTTDPAFADR(MSE)GT(MSE)SHQAYGPLVGVPRLL
GILDEFNVPGTFFVPGYTAHRHPEPIRSIARAGHEIAHHGYLHESLVGADEDTERKILTRGIEALEEVAGVHPVGYRAP
(MSE)WE(MSE)NWHTPKLLAEFGFLYDSTL(MSE)DSDHPYELAVGDGSLVELPVSWALDDWQQYCFVPDFSGTGLIET
PAKAIELWRAELNA(MSE)RDIGGAWVLTNHPFLSGRPGRAAALREFIAEVCA(MSE)DDVWVAG(MSE)SQIAEHVRAQ
KLTPRTLTRPELTPVAE
;
_entity_poly.pdbx_strand_id   A,B,C,D
#
# COMPACT_ATOMS: atom_id res chain seq x y z
N LEU A 11 -27.60 -15.95 -18.28
CA LEU A 11 -26.20 -16.14 -17.83
C LEU A 11 -26.21 -16.91 -16.48
N THR A 12 -26.14 -18.26 -16.56
CA THR A 12 -26.15 -19.28 -15.50
C THR A 12 -24.77 -19.40 -14.76
N PRO A 13 -24.71 -19.52 -13.41
CA PRO A 13 -23.40 -19.72 -12.77
C PRO A 13 -22.88 -21.15 -13.07
N ALA A 14 -21.57 -21.32 -13.03
CA ALA A 14 -20.90 -22.59 -13.25
C ALA A 14 -21.15 -23.49 -12.07
N ALA A 15 -21.57 -24.72 -12.33
CA ALA A 15 -21.89 -25.71 -11.31
C ALA A 15 -20.62 -26.39 -10.79
N PRO A 16 -20.62 -26.96 -9.58
CA PRO A 16 -19.46 -27.73 -9.13
C PRO A 16 -19.21 -28.94 -10.05
N VAL A 17 -17.95 -29.18 -10.41
CA VAL A 17 -17.55 -30.33 -11.26
C VAL A 17 -17.16 -31.47 -10.34
N SER A 18 -17.43 -32.73 -10.77
CA SER A 18 -17.01 -33.91 -10.02
C SER A 18 -15.51 -34.11 -10.14
N TRP A 19 -14.83 -34.45 -9.03
CA TRP A 19 -13.37 -34.71 -9.06
C TRP A 19 -13.13 -36.22 -9.03
N PRO A 20 -11.96 -36.73 -9.50
CA PRO A 20 -11.81 -38.19 -9.59
C PRO A 20 -11.73 -38.91 -8.27
N ASP A 21 -12.43 -40.08 -8.29
CA ASP A 21 -12.47 -41.10 -7.24
C ASP A 21 -12.80 -40.44 -5.89
N GLY A 22 -11.88 -40.44 -4.92
CA GLY A 22 -12.20 -39.87 -3.62
C GLY A 22 -11.84 -38.41 -3.39
N LYS A 23 -11.35 -37.72 -4.43
CA LYS A 23 -10.94 -36.35 -4.26
C LYS A 23 -12.17 -35.41 -4.34
N THR A 24 -12.14 -34.30 -3.58
CA THR A 24 -13.29 -33.41 -3.55
C THR A 24 -12.91 -31.98 -3.97
N CYS A 25 -11.68 -31.80 -4.47
CA CYS A 25 -11.14 -30.50 -4.73
C CYS A 25 -9.85 -30.63 -5.58
N ALA A 26 -9.63 -29.73 -6.57
CA ALA A 26 -8.41 -29.78 -7.37
C ALA A 26 -7.49 -28.59 -7.09
N VAL A 27 -6.20 -28.82 -7.07
CA VAL A 27 -5.16 -27.79 -6.87
C VAL A 27 -4.21 -27.88 -8.00
N ALA A 28 -3.91 -26.74 -8.62
CA ALA A 28 -2.92 -26.60 -9.71
C ALA A 28 -1.93 -25.50 -9.33
N PHE A 29 -0.63 -25.85 -9.27
CA PHE A 29 0.47 -24.89 -9.05
C PHE A 29 0.90 -24.46 -10.45
N THR A 30 0.72 -23.18 -10.79
CA THR A 30 1.04 -22.68 -12.14
C THR A 30 2.07 -21.53 -12.04
N PHE A 31 2.81 -21.29 -13.14
CA PHE A 31 3.90 -20.30 -13.16
C PHE A 31 3.94 -19.67 -14.48
N ASP A 32 3.91 -18.34 -14.50
CA ASP A 32 4.00 -17.55 -15.72
C ASP A 32 5.43 -17.06 -15.80
N VAL A 33 6.19 -17.64 -16.72
CA VAL A 33 7.62 -17.31 -16.89
C VAL A 33 7.73 -16.07 -17.82
N ASP A 34 7.18 -14.95 -17.31
CA ASP A 34 7.04 -13.66 -17.98
C ASP A 34 8.38 -13.03 -18.20
N ALA A 35 9.26 -13.11 -17.21
CA ALA A 35 10.62 -12.58 -17.35
C ALA A 35 10.57 -11.13 -17.87
N GLU A 36 11.36 -10.83 -18.91
CA GLU A 36 11.47 -9.48 -19.50
C GLU A 36 10.23 -9.05 -20.25
N SER A 37 9.59 -10.01 -20.97
CA SER A 37 8.49 -9.75 -21.94
C SER A 37 7.36 -8.72 -21.49
N PRO A 38 6.72 -8.71 -20.31
CA PRO A 38 5.67 -7.67 -20.05
C PRO A 38 6.20 -6.22 -20.12
N LEU A 39 7.43 -6.02 -19.70
CA LEU A 39 8.10 -4.73 -19.70
C LEU A 39 8.44 -4.32 -21.12
N LEU A 40 9.01 -5.24 -21.93
CA LEU A 40 9.45 -4.95 -23.32
C LEU A 40 8.28 -4.59 -24.26
N THR A 41 7.13 -5.25 -24.08
CA THR A 41 5.95 -4.90 -24.87
C THR A 41 5.38 -3.53 -24.39
N THR A 42 5.42 -3.23 -23.07
CA THR A 42 4.88 -1.97 -22.54
C THR A 42 5.74 -0.81 -23.06
N ASP A 43 7.08 -0.97 -23.05
CA ASP A 43 7.99 0.03 -23.57
C ASP A 43 9.30 -0.65 -24.01
N PRO A 44 9.53 -0.71 -25.34
CA PRO A 44 10.79 -1.29 -25.88
C PRO A 44 12.06 -0.69 -25.29
N ALA A 45 12.00 0.57 -24.78
CA ALA A 45 13.15 1.26 -24.16
C ALA A 45 13.54 0.60 -22.85
N PHE A 46 12.68 -0.23 -22.26
CA PHE A 46 13.07 -1.02 -21.07
C PHE A 46 14.26 -1.95 -21.38
N ALA A 47 14.47 -2.35 -22.65
CA ALA A 47 15.64 -3.19 -23.02
C ALA A 47 16.96 -2.56 -22.62
N ASP A 48 17.04 -1.19 -22.54
CA ASP A 48 18.28 -0.44 -22.21
C ASP A 48 18.50 -0.39 -20.71
N ARG A 49 17.51 -0.87 -20.00
CA ARG A 49 17.61 -0.84 -18.54
C ARG A 49 18.26 -2.13 -18.03
N GLY A 51 19.72 -2.83 -15.17
CA GLY A 51 19.32 -3.22 -13.81
C GLY A 51 17.98 -3.92 -13.82
N THR A 52 16.97 -3.31 -14.47
CA THR A 52 15.65 -3.92 -14.55
C THR A 52 15.71 -5.23 -15.34
N SER A 54 18.17 -7.31 -15.57
CA SER A 54 18.80 -8.33 -14.69
C SER A 54 17.78 -8.87 -13.68
N HIS A 55 16.92 -8.00 -13.12
CA HIS A 55 15.86 -8.42 -12.17
C HIS A 55 14.88 -9.37 -12.86
N GLN A 56 14.49 -9.11 -14.14
CA GLN A 56 13.51 -9.99 -14.86
C GLN A 56 14.17 -11.33 -15.30
N ALA A 57 15.48 -11.27 -15.60
CA ALA A 57 16.28 -12.45 -16.00
C ALA A 57 16.42 -13.44 -14.87
N TYR A 58 16.35 -12.99 -13.60
CA TYR A 58 16.41 -13.87 -12.42
C TYR A 58 15.37 -14.98 -12.51
N GLY A 59 14.21 -14.65 -13.07
CA GLY A 59 13.11 -15.60 -13.22
C GLY A 59 13.59 -16.85 -13.93
N PRO A 60 14.01 -16.73 -15.21
CA PRO A 60 14.46 -17.94 -15.95
C PRO A 60 15.79 -18.51 -15.46
N LEU A 61 16.70 -17.64 -15.02
CA LEU A 61 18.03 -18.07 -14.59
C LEU A 61 18.05 -18.75 -13.25
N VAL A 62 17.37 -18.20 -12.27
CA VAL A 62 17.41 -18.69 -10.88
C VAL A 62 16.07 -19.24 -10.40
N GLY A 63 14.97 -18.51 -10.62
CA GLY A 63 13.68 -18.97 -10.14
C GLY A 63 13.20 -20.29 -10.69
N VAL A 64 13.34 -20.48 -12.00
CA VAL A 64 12.90 -21.70 -12.68
C VAL A 64 13.68 -22.92 -12.11
N PRO A 65 15.05 -22.98 -12.02
CA PRO A 65 15.65 -24.19 -11.44
C PRO A 65 15.24 -24.37 -9.98
N ARG A 66 15.04 -23.32 -9.19
CA ARG A 66 14.70 -23.45 -7.77
C ARG A 66 13.33 -24.05 -7.60
N LEU A 67 12.38 -23.55 -8.39
CA LEU A 67 10.97 -23.99 -8.34
C LEU A 67 10.85 -25.37 -8.95
N LEU A 68 11.56 -25.66 -10.04
CA LEU A 68 11.60 -27.05 -10.58
C LEU A 68 12.12 -28.07 -9.49
N GLY A 69 13.15 -27.65 -8.74
CA GLY A 69 13.71 -28.45 -7.65
C GLY A 69 12.68 -28.72 -6.57
N ILE A 70 11.92 -27.71 -6.16
CA ILE A 70 10.88 -27.89 -5.14
C ILE A 70 9.76 -28.83 -5.66
N LEU A 71 9.30 -28.62 -6.92
CA LEU A 71 8.25 -29.48 -7.49
C LEU A 71 8.73 -30.94 -7.54
N ASP A 72 10.01 -31.13 -7.82
CA ASP A 72 10.66 -32.46 -7.87
C ASP A 72 10.69 -33.07 -6.48
N GLU A 73 11.05 -32.31 -5.47
CA GLU A 73 11.10 -32.88 -4.11
C GLU A 73 9.75 -33.46 -3.67
N PHE A 74 8.63 -32.89 -4.10
CA PHE A 74 7.32 -33.37 -3.63
C PHE A 74 6.53 -34.09 -4.72
N ASN A 75 7.17 -34.39 -5.86
CA ASN A 75 6.60 -35.02 -7.07
C ASN A 75 5.25 -34.38 -7.44
N VAL A 76 5.26 -33.04 -7.47
CA VAL A 76 4.14 -32.19 -7.79
C VAL A 76 4.23 -31.80 -9.26
N PRO A 77 3.16 -31.99 -10.04
CA PRO A 77 3.17 -31.48 -11.42
C PRO A 77 2.93 -29.95 -11.41
N GLY A 78 3.68 -29.23 -12.21
CA GLY A 78 3.51 -27.79 -12.32
C GLY A 78 3.18 -27.46 -13.76
N THR A 79 2.50 -26.34 -13.99
CA THR A 79 2.21 -25.92 -15.36
C THR A 79 2.87 -24.57 -15.58
N PHE A 80 3.65 -24.48 -16.64
CA PHE A 80 4.36 -23.26 -16.86
C PHE A 80 3.85 -22.56 -18.10
N PHE A 81 3.32 -21.29 -17.90
CA PHE A 81 2.81 -20.48 -19.02
C PHE A 81 4.03 -19.67 -19.50
N VAL A 82 4.45 -19.94 -20.72
CA VAL A 82 5.70 -19.34 -21.21
C VAL A 82 5.46 -18.48 -22.46
N PRO A 83 5.65 -17.16 -22.36
CA PRO A 83 5.62 -16.33 -23.58
C PRO A 83 6.70 -16.81 -24.57
N GLY A 84 6.38 -16.80 -25.84
CA GLY A 84 7.33 -17.23 -26.86
C GLY A 84 8.65 -16.49 -26.80
N TYR A 85 8.61 -15.22 -26.32
CA TYR A 85 9.81 -14.39 -26.22
C TYR A 85 10.74 -14.95 -25.18
N THR A 86 10.18 -15.35 -24.02
CA THR A 86 11.00 -15.89 -22.94
C THR A 86 11.73 -17.16 -23.44
N ALA A 87 10.99 -18.00 -24.19
CA ALA A 87 11.53 -19.23 -24.75
C ALA A 87 12.71 -18.91 -25.67
N HIS A 88 12.58 -17.91 -26.57
CA HIS A 88 13.68 -17.57 -27.49
C HIS A 88 14.86 -16.94 -26.76
N ARG A 89 14.60 -16.09 -25.75
CA ARG A 89 15.66 -15.43 -24.98
C ARG A 89 16.29 -16.40 -23.99
N HIS A 90 15.50 -17.24 -23.28
CA HIS A 90 16.00 -18.22 -22.29
C HIS A 90 15.71 -19.69 -22.74
N PRO A 91 16.28 -20.21 -23.84
CA PRO A 91 15.90 -21.58 -24.29
C PRO A 91 16.27 -22.73 -23.33
N GLU A 92 17.38 -22.66 -22.64
CA GLU A 92 17.81 -23.70 -21.73
C GLU A 92 16.89 -23.74 -20.51
N PRO A 93 16.59 -22.61 -19.77
CA PRO A 93 15.58 -22.67 -18.69
C PRO A 93 14.22 -23.21 -19.15
N ILE A 94 13.79 -22.86 -20.38
CA ILE A 94 12.49 -23.34 -20.87
C ILE A 94 12.55 -24.82 -21.18
N ARG A 95 13.60 -25.27 -21.89
CA ARG A 95 13.81 -26.70 -22.15
C ARG A 95 13.89 -27.54 -20.89
N SER A 96 14.56 -27.00 -19.85
CA SER A 96 14.74 -27.68 -18.57
C SER A 96 13.40 -28.00 -17.96
N ILE A 97 12.34 -27.14 -18.19
CA ILE A 97 10.97 -27.40 -17.69
C ILE A 97 10.40 -28.63 -18.35
N ALA A 98 10.49 -28.67 -19.68
CA ALA A 98 9.97 -29.77 -20.48
C ALA A 98 10.76 -31.06 -20.15
N ARG A 99 12.11 -30.97 -19.97
CA ARG A 99 12.86 -32.19 -19.59
C ARG A 99 12.41 -32.70 -18.20
N ALA A 100 11.99 -31.82 -17.27
CA ALA A 100 11.49 -32.26 -15.94
C ALA A 100 10.07 -32.85 -16.02
N GLY A 101 9.45 -32.89 -17.21
CA GLY A 101 8.12 -33.47 -17.41
C GLY A 101 6.94 -32.57 -17.09
N HIS A 102 7.14 -31.26 -16.90
CA HIS A 102 6.03 -30.41 -16.58
C HIS A 102 5.45 -29.84 -17.83
N GLU A 103 4.16 -29.62 -17.83
CA GLU A 103 3.48 -29.01 -18.94
C GLU A 103 3.93 -27.56 -19.18
N ILE A 104 4.05 -27.19 -20.47
CA ILE A 104 4.32 -25.86 -20.96
C ILE A 104 3.07 -25.43 -21.71
N ALA A 105 2.55 -24.25 -21.37
CA ALA A 105 1.33 -23.68 -21.94
C ALA A 105 1.62 -22.29 -22.57
N HIS A 106 0.69 -21.79 -23.40
CA HIS A 106 0.83 -20.55 -24.19
C HIS A 106 0.58 -19.30 -23.33
N HIS A 107 1.39 -18.26 -23.54
CA HIS A 107 1.23 -16.99 -22.83
C HIS A 107 1.69 -15.83 -23.76
N GLY A 108 1.22 -15.86 -24.99
CA GLY A 108 1.55 -14.84 -25.98
C GLY A 108 2.95 -14.96 -26.52
N TYR A 109 3.39 -13.97 -27.31
CA TYR A 109 4.76 -14.02 -27.82
C TYR A 109 5.59 -13.11 -26.91
N LEU A 110 5.51 -11.78 -27.13
CA LEU A 110 6.11 -10.77 -26.25
C LEU A 110 5.08 -10.38 -25.15
N HIS A 111 4.26 -11.35 -24.68
CA HIS A 111 3.32 -11.11 -23.59
C HIS A 111 2.40 -9.87 -23.90
N GLU A 112 2.00 -9.66 -25.22
CA GLU A 112 1.26 -8.51 -25.64
C GLU A 112 -0.10 -8.38 -24.93
N SER A 113 -0.50 -7.15 -24.66
CA SER A 113 -1.84 -6.91 -24.13
C SER A 113 -2.78 -7.16 -25.29
N LEU A 114 -3.94 -7.79 -25.06
CA LEU A 114 -4.93 -8.02 -26.12
C LEU A 114 -5.95 -6.86 -26.18
N VAL A 115 -5.77 -5.86 -25.31
CA VAL A 115 -6.71 -4.71 -25.30
C VAL A 115 -6.58 -4.02 -26.67
N GLY A 116 -7.68 -3.95 -27.40
CA GLY A 116 -7.75 -3.30 -28.72
C GLY A 116 -7.23 -4.11 -29.88
N ALA A 117 -6.94 -5.42 -29.68
CA ALA A 117 -6.45 -6.19 -30.83
C ALA A 117 -7.60 -6.80 -31.62
N ASP A 118 -7.49 -6.82 -32.94
CA ASP A 118 -8.49 -7.49 -33.77
C ASP A 118 -8.15 -9.02 -33.82
N GLU A 119 -8.95 -9.82 -34.53
CA GLU A 119 -8.74 -11.27 -34.55
C GLU A 119 -7.43 -11.64 -35.26
N ASP A 120 -7.10 -10.94 -36.37
CA ASP A 120 -5.86 -11.20 -37.08
C ASP A 120 -4.61 -10.95 -36.22
N THR A 121 -4.60 -9.89 -35.36
CA THR A 121 -3.43 -9.62 -34.53
C THR A 121 -3.30 -10.77 -33.56
N GLU A 122 -4.43 -11.15 -32.89
CA GLU A 122 -4.44 -12.25 -31.93
C GLU A 122 -4.09 -13.56 -32.55
N ARG A 123 -4.43 -13.79 -33.88
CA ARG A 123 -4.09 -15.03 -34.55
C ARG A 123 -2.58 -15.11 -34.73
N LYS A 124 -2.00 -14.08 -35.44
CA LYS A 124 -0.56 -13.92 -35.64
C LYS A 124 0.24 -14.19 -34.34
N ILE A 125 -0.20 -13.62 -33.22
CA ILE A 125 0.49 -13.82 -31.93
C ILE A 125 0.39 -15.27 -31.51
N LEU A 126 -0.79 -15.88 -31.67
CA LEU A 126 -1.01 -17.28 -31.28
C LEU A 126 -0.05 -18.20 -31.98
N THR A 127 0.10 -18.02 -33.32
CA THR A 127 0.99 -18.77 -34.15
C THR A 127 2.45 -18.53 -33.78
N ARG A 128 2.84 -17.28 -33.51
CA ARG A 128 4.21 -16.91 -33.19
C ARG A 128 4.64 -17.62 -31.89
N GLY A 129 3.77 -17.61 -30.89
CA GLY A 129 4.03 -18.29 -29.61
C GLY A 129 4.14 -19.81 -29.76
N ILE A 130 3.24 -20.44 -30.57
CA ILE A 130 3.23 -21.89 -30.81
C ILE A 130 4.55 -22.27 -31.46
N GLU A 131 4.93 -21.55 -32.55
CA GLU A 131 6.16 -21.79 -33.29
C GLU A 131 7.41 -21.61 -32.42
N ALA A 132 7.49 -20.61 -31.56
CA ALA A 132 8.61 -20.44 -30.63
C ALA A 132 8.69 -21.62 -29.65
N LEU A 133 7.56 -22.04 -29.05
CA LEU A 133 7.61 -23.15 -28.08
C LEU A 133 8.01 -24.48 -28.76
N GLU A 134 7.59 -24.70 -30.02
CA GLU A 134 7.94 -25.88 -30.80
C GLU A 134 9.41 -25.87 -31.18
N GLU A 135 9.90 -24.73 -31.71
CA GLU A 135 11.28 -24.60 -32.15
C GLU A 135 12.27 -24.63 -30.99
N VAL A 136 11.97 -24.00 -29.86
CA VAL A 136 12.88 -23.97 -28.70
C VAL A 136 12.86 -25.27 -27.82
N ALA A 137 11.68 -25.74 -27.44
CA ALA A 137 11.54 -26.80 -26.48
C ALA A 137 10.88 -28.09 -27.05
N GLY A 138 10.53 -28.09 -28.34
CA GLY A 138 9.96 -29.27 -28.95
C GLY A 138 8.70 -29.72 -28.23
N VAL A 139 7.87 -28.76 -27.84
CA VAL A 139 6.54 -28.95 -27.19
C VAL A 139 5.44 -28.12 -27.94
N HIS A 140 4.19 -28.55 -27.81
CA HIS A 140 3.04 -27.91 -28.44
C HIS A 140 2.07 -27.65 -27.36
N PRO A 141 1.79 -26.34 -27.01
CA PRO A 141 0.88 -26.07 -25.89
C PRO A 141 -0.57 -26.48 -26.18
N VAL A 142 -1.26 -26.98 -25.14
CA VAL A 142 -2.69 -27.32 -25.25
C VAL A 142 -3.44 -26.33 -24.41
N GLY A 143 -2.66 -25.60 -23.61
CA GLY A 143 -3.16 -24.62 -22.66
C GLY A 143 -2.82 -23.19 -22.98
N TYR A 144 -3.73 -22.27 -22.55
CA TYR A 144 -3.58 -20.84 -22.80
C TYR A 144 -4.02 -20.02 -21.62
N ARG A 145 -3.36 -18.86 -21.46
CA ARG A 145 -3.57 -17.86 -20.41
C ARG A 145 -3.20 -16.56 -20.97
N ALA A 146 -4.16 -15.64 -21.06
CA ALA A 146 -3.92 -14.35 -21.72
C ALA A 146 -2.93 -13.50 -20.92
N PRO A 147 -1.92 -12.87 -21.57
CA PRO A 147 -1.05 -11.97 -20.82
C PRO A 147 -1.89 -10.84 -20.18
N TRP A 149 -3.98 -11.20 -18.11
CA TRP A 149 -5.23 -11.83 -17.73
C TRP A 149 -6.40 -11.05 -18.32
N GLU A 150 -6.25 -10.62 -19.59
CA GLU A 150 -7.30 -9.86 -20.22
C GLU A 150 -7.41 -10.31 -21.64
N ASN A 152 -10.36 -10.57 -25.41
CA ASN A 152 -11.55 -10.09 -26.06
C ASN A 152 -12.66 -11.13 -26.10
N TRP A 153 -13.93 -10.68 -26.29
CA TRP A 153 -15.04 -11.64 -26.33
C TRP A 153 -14.87 -12.56 -27.51
N HIS A 154 -14.11 -12.12 -28.52
CA HIS A 154 -13.80 -12.92 -29.70
C HIS A 154 -12.59 -13.90 -29.44
N THR A 155 -11.89 -13.80 -28.27
CA THR A 155 -10.70 -14.64 -28.05
C THR A 155 -11.08 -16.14 -27.83
N PRO A 156 -12.04 -16.54 -26.94
CA PRO A 156 -12.34 -18.00 -26.83
C PRO A 156 -12.49 -18.73 -28.19
N LYS A 157 -13.19 -18.14 -29.15
CA LYS A 157 -13.36 -18.71 -30.48
C LYS A 157 -12.03 -18.93 -31.20
N LEU A 158 -11.09 -17.99 -31.03
CA LEU A 158 -9.76 -18.07 -31.65
C LEU A 158 -8.99 -19.24 -31.08
N LEU A 159 -9.12 -19.43 -29.76
CA LEU A 159 -8.47 -20.50 -29.00
C LEU A 159 -9.01 -21.87 -29.42
N ALA A 160 -10.35 -21.96 -29.57
CA ALA A 160 -11.01 -23.16 -30.04
C ALA A 160 -10.55 -23.52 -31.48
N GLU A 161 -10.34 -22.51 -32.33
CA GLU A 161 -9.88 -22.59 -33.73
C GLU A 161 -8.46 -23.13 -33.78
N PHE A 162 -7.62 -22.76 -32.81
CA PHE A 162 -6.23 -23.22 -32.73
C PHE A 162 -6.11 -24.59 -32.00
N GLY A 163 -7.25 -25.23 -31.78
CA GLY A 163 -7.36 -26.53 -31.12
C GLY A 163 -6.87 -26.57 -29.70
N PHE A 164 -6.86 -25.44 -28.95
CA PHE A 164 -6.46 -25.42 -27.54
C PHE A 164 -7.40 -26.28 -26.68
N LEU A 165 -6.89 -26.96 -25.65
CA LEU A 165 -7.77 -27.72 -24.75
C LEU A 165 -8.40 -26.78 -23.74
N TYR A 166 -7.61 -25.88 -23.15
CA TYR A 166 -8.19 -25.00 -22.17
C TYR A 166 -7.63 -23.60 -22.20
N ASP A 167 -8.40 -22.68 -21.54
CA ASP A 167 -7.98 -21.31 -21.26
C ASP A 167 -7.96 -21.23 -19.76
N SER A 168 -7.03 -20.47 -19.20
CA SER A 168 -6.96 -20.21 -17.76
C SER A 168 -6.78 -18.66 -17.51
N THR A 169 -7.85 -17.86 -17.74
CA THR A 169 -7.81 -16.39 -17.65
C THR A 169 -9.00 -15.75 -16.90
N LEU A 170 -10.17 -16.44 -16.94
CA LEU A 170 -11.48 -15.87 -16.52
C LEU A 170 -11.67 -16.07 -15.04
N ASP A 172 -14.95 -15.70 -13.23
CA ASP A 172 -16.40 -15.67 -12.93
C ASP A 172 -16.90 -16.93 -12.23
N SER A 173 -15.98 -17.81 -11.83
CA SER A 173 -16.35 -19.06 -11.19
C SER A 173 -15.25 -19.61 -10.30
N ASP A 174 -15.66 -20.37 -9.29
CA ASP A 174 -14.73 -21.17 -8.49
C ASP A 174 -14.45 -22.53 -9.14
N HIS A 175 -15.34 -22.94 -10.08
CA HIS A 175 -15.37 -24.24 -10.72
C HIS A 175 -15.00 -24.14 -12.17
N PRO A 176 -14.31 -25.16 -12.70
CA PRO A 176 -14.00 -25.18 -14.16
C PRO A 176 -15.33 -25.36 -14.89
N TYR A 177 -15.35 -25.05 -16.18
CA TYR A 177 -16.56 -25.12 -16.97
C TYR A 177 -16.18 -25.19 -18.46
N GLU A 178 -17.19 -25.52 -19.31
CA GLU A 178 -17.06 -25.53 -20.76
C GLU A 178 -17.47 -24.18 -21.27
N LEU A 179 -16.58 -23.47 -21.95
CA LEU A 179 -16.92 -22.14 -22.47
C LEU A 179 -17.70 -22.31 -23.75
N ALA A 180 -18.80 -21.57 -23.94
CA ALA A 180 -19.53 -21.71 -25.20
C ALA A 180 -18.73 -21.02 -26.27
N VAL A 181 -18.43 -21.74 -27.33
CA VAL A 181 -17.61 -21.26 -28.44
C VAL A 181 -18.20 -21.80 -29.77
N GLY A 182 -19.51 -22.02 -29.82
CA GLY A 182 -20.21 -22.53 -30.99
C GLY A 182 -19.86 -23.96 -31.35
N ASP A 183 -19.38 -24.16 -32.61
CA ASP A 183 -19.01 -25.46 -33.18
C ASP A 183 -17.90 -26.17 -32.39
N GLY A 184 -16.98 -25.40 -31.83
CA GLY A 184 -15.83 -25.92 -31.11
C GLY A 184 -16.09 -26.29 -29.67
N SER A 185 -14.96 -26.43 -28.93
CA SER A 185 -14.86 -26.80 -27.51
C SER A 185 -13.73 -26.06 -26.88
N LEU A 186 -13.88 -25.66 -25.59
CA LEU A 186 -12.80 -24.97 -24.80
C LEU A 186 -13.11 -25.01 -23.32
N VAL A 187 -12.24 -25.65 -22.53
CA VAL A 187 -12.36 -25.70 -21.07
C VAL A 187 -11.85 -24.41 -20.49
N GLU A 188 -12.57 -23.84 -19.47
CA GLU A 188 -12.09 -22.71 -18.72
C GLU A 188 -11.66 -23.19 -17.37
N LEU A 189 -10.42 -22.89 -16.94
CA LEU A 189 -9.95 -23.21 -15.58
C LEU A 189 -9.75 -21.87 -14.89
N PRO A 190 -10.73 -21.40 -14.11
CA PRO A 190 -10.66 -20.00 -13.66
C PRO A 190 -9.60 -19.72 -12.60
N VAL A 191 -9.19 -18.45 -12.61
CA VAL A 191 -8.14 -17.88 -11.73
C VAL A 191 -8.72 -16.75 -10.91
N SER A 192 -7.89 -16.08 -10.12
CA SER A 192 -8.28 -14.89 -9.35
C SER A 192 -7.04 -14.12 -8.96
N TRP A 193 -7.19 -12.79 -8.76
CA TRP A 193 -6.13 -11.85 -8.43
C TRP A 193 -5.53 -12.16 -7.06
N ALA A 194 -6.34 -12.67 -6.15
CA ALA A 194 -5.85 -13.03 -4.83
C ALA A 194 -4.85 -14.23 -4.96
N LEU A 195 -5.01 -15.11 -6.01
CA LEU A 195 -4.13 -16.27 -6.15
C LEU A 195 -3.06 -16.00 -7.21
N ASP A 196 -2.42 -14.87 -7.03
CA ASP A 196 -1.33 -14.34 -7.83
C ASP A 196 -0.27 -13.80 -6.85
N ASP A 197 1.01 -14.04 -7.10
CA ASP A 197 2.07 -13.47 -6.22
C ASP A 197 2.41 -12.01 -6.68
N TRP A 198 2.00 -11.59 -7.91
CA TRP A 198 2.35 -10.27 -8.47
C TRP A 198 1.98 -9.14 -7.53
N GLN A 199 0.73 -9.18 -7.02
CA GLN A 199 0.19 -8.18 -6.11
C GLN A 199 0.82 -8.26 -4.69
N GLN A 200 1.48 -9.39 -4.39
CA GLN A 200 2.14 -9.65 -3.11
C GLN A 200 3.62 -9.22 -3.11
N TYR A 201 4.32 -9.48 -4.20
CA TYR A 201 5.77 -9.27 -4.24
C TYR A 201 6.30 -8.28 -5.31
N CYS A 202 5.53 -7.95 -6.40
CA CYS A 202 6.10 -7.16 -7.50
C CYS A 202 6.40 -5.70 -7.15
N PHE A 203 7.69 -5.33 -7.38
CA PHE A 203 8.20 -3.95 -7.34
C PHE A 203 9.28 -3.79 -8.42
N VAL A 204 8.88 -3.12 -9.49
CA VAL A 204 9.75 -2.76 -10.59
C VAL A 204 9.49 -1.29 -10.80
N PRO A 205 10.53 -0.43 -10.61
CA PRO A 205 10.34 1.02 -10.83
C PRO A 205 9.88 1.31 -12.26
N ASP A 206 9.00 2.33 -12.43
CA ASP A 206 8.45 2.83 -13.70
C ASP A 206 7.58 1.79 -14.46
N PHE A 207 7.30 0.62 -13.84
CA PHE A 207 6.51 -0.41 -14.48
C PHE A 207 5.37 -0.93 -13.55
N SER A 208 5.70 -1.49 -12.36
CA SER A 208 4.69 -2.07 -11.46
C SER A 208 5.06 -1.98 -9.96
N GLY A 209 4.03 -1.81 -9.12
CA GLY A 209 4.14 -1.74 -7.68
C GLY A 209 4.24 -0.31 -7.15
N THR A 210 3.60 -0.05 -6.02
CA THR A 210 3.67 1.27 -5.37
C THR A 210 4.86 1.29 -4.39
N GLY A 211 5.51 0.14 -4.26
CA GLY A 211 6.62 -0.10 -3.35
C GLY A 211 6.29 -1.16 -2.32
N LEU A 212 5.02 -1.57 -2.23
CA LEU A 212 4.59 -2.58 -1.26
C LEU A 212 5.23 -3.96 -1.59
N ILE A 213 5.92 -4.55 -0.58
CA ILE A 213 6.54 -5.87 -0.70
C ILE A 213 6.13 -6.61 0.58
N GLU A 214 5.32 -7.66 0.39
CA GLU A 214 4.76 -8.47 1.46
C GLU A 214 5.74 -9.57 1.88
N THR A 215 5.73 -9.92 3.17
CA THR A 215 6.55 -11.01 3.72
C THR A 215 6.04 -12.29 3.11
N PRO A 216 6.90 -13.31 2.95
CA PRO A 216 6.41 -14.54 2.33
C PRO A 216 5.30 -15.19 3.18
N ALA A 217 5.36 -15.05 4.53
CA ALA A 217 4.36 -15.63 5.43
C ALA A 217 2.96 -15.06 5.17
N LYS A 218 2.86 -13.75 4.88
CA LYS A 218 1.60 -13.06 4.59
C LYS A 218 0.97 -13.61 3.32
N ALA A 219 1.74 -13.71 2.26
CA ALA A 219 1.30 -14.27 0.99
C ALA A 219 0.81 -15.72 1.18
N ILE A 220 1.54 -16.55 1.94
CA ILE A 220 1.11 -17.93 2.18
C ILE A 220 -0.19 -17.94 3.03
N GLU A 221 -0.27 -17.12 4.06
CA GLU A 221 -1.48 -17.02 4.88
C GLU A 221 -2.71 -16.66 4.00
N LEU A 222 -2.52 -15.77 3.05
CA LEU A 222 -3.61 -15.36 2.21
C LEU A 222 -4.03 -16.56 1.32
N TRP A 223 -3.08 -17.25 0.63
CA TRP A 223 -3.39 -18.37 -0.27
C TRP A 223 -4.00 -19.56 0.48
N ARG A 224 -3.50 -19.83 1.68
CA ARG A 224 -3.99 -20.88 2.55
C ARG A 224 -5.46 -20.61 2.99
N ALA A 225 -5.86 -19.33 3.25
CA ALA A 225 -7.25 -18.97 3.60
C ALA A 225 -8.15 -19.36 2.44
N GLU A 226 -7.70 -19.01 1.22
CA GLU A 226 -8.46 -19.33 0.02
C GLU A 226 -8.59 -20.84 -0.19
N LEU A 227 -7.45 -21.54 -0.14
CA LEU A 227 -7.42 -22.98 -0.32
C LEU A 227 -8.35 -23.68 0.69
N ASN A 228 -8.23 -23.37 1.97
CA ASN A 228 -9.06 -24.03 2.96
C ASN A 228 -10.56 -23.83 2.70
N ALA A 229 -10.95 -22.67 2.15
CA ALA A 229 -12.32 -22.38 1.76
C ALA A 229 -12.67 -23.15 0.49
N ARG A 231 -11.54 -26.00 -0.41
CA ARG A 231 -11.71 -27.42 -0.06
C ARG A 231 -13.14 -27.66 0.38
N ASP A 232 -13.79 -26.71 1.08
CA ASP A 232 -15.20 -26.89 1.48
C ASP A 232 -16.14 -26.69 0.27
N ILE A 233 -15.72 -25.91 -0.73
CA ILE A 233 -16.54 -25.57 -1.93
C ILE A 233 -16.46 -26.68 -3.01
N GLY A 234 -15.30 -27.34 -3.13
CA GLY A 234 -15.09 -28.36 -4.15
C GLY A 234 -14.69 -27.77 -5.49
N GLY A 235 -14.02 -26.63 -5.47
CA GLY A 235 -13.64 -26.00 -6.73
C GLY A 235 -12.29 -26.42 -7.24
N ALA A 236 -11.78 -25.69 -8.22
CA ALA A 236 -10.42 -25.83 -8.74
C ALA A 236 -9.61 -24.61 -8.32
N TRP A 237 -8.72 -24.79 -7.35
CA TRP A 237 -7.82 -23.75 -6.81
C TRP A 237 -6.56 -23.62 -7.68
N VAL A 238 -6.47 -22.58 -8.50
CA VAL A 238 -5.36 -22.45 -9.43
C VAL A 238 -4.42 -21.36 -8.93
N LEU A 239 -3.24 -21.71 -8.42
CA LEU A 239 -2.32 -20.67 -7.93
C LEU A 239 -1.40 -20.21 -9.09
N THR A 240 -1.15 -18.91 -9.21
CA THR A 240 -0.23 -18.35 -10.22
C THR A 240 0.98 -17.67 -9.54
N ASN A 241 2.19 -18.06 -9.91
CA ASN A 241 3.47 -17.51 -9.41
C ASN A 241 4.36 -17.21 -10.58
N HIS A 242 5.27 -16.24 -10.37
CA HIS A 242 6.22 -15.76 -11.40
C HIS A 242 7.57 -16.10 -10.90
N PRO A 243 8.35 -16.90 -11.61
CA PRO A 243 9.71 -17.23 -11.10
C PRO A 243 10.56 -16.00 -10.72
N PHE A 244 10.43 -14.82 -11.40
CA PHE A 244 11.27 -13.63 -11.10
C PHE A 244 10.90 -13.05 -9.75
N LEU A 245 9.74 -13.43 -9.23
CA LEU A 245 9.25 -13.03 -7.91
C LEU A 245 9.31 -14.16 -6.95
N SER A 246 8.52 -15.27 -7.16
CA SER A 246 8.50 -16.36 -6.17
C SER A 246 9.75 -17.20 -6.14
N GLY A 247 10.63 -17.04 -7.13
CA GLY A 247 11.88 -17.79 -7.15
C GLY A 247 12.91 -17.27 -6.19
N ARG A 248 12.65 -16.12 -5.50
CA ARG A 248 13.63 -15.48 -4.57
C ARG A 248 13.78 -16.32 -3.35
N PRO A 249 14.95 -16.30 -2.63
CA PRO A 249 15.14 -17.26 -1.51
C PRO A 249 13.96 -17.41 -0.52
N GLY A 250 13.51 -16.31 0.08
CA GLY A 250 12.49 -16.30 1.12
C GLY A 250 11.15 -16.74 0.64
N ARG A 251 10.76 -16.30 -0.59
CA ARG A 251 9.48 -16.62 -1.20
C ARG A 251 9.45 -18.05 -1.59
N ALA A 252 10.51 -18.54 -2.26
CA ALA A 252 10.58 -19.96 -2.65
C ALA A 252 10.51 -20.86 -1.43
N ALA A 253 11.20 -20.50 -0.33
CA ALA A 253 11.20 -21.35 0.85
C ALA A 253 9.80 -21.48 1.44
N ALA A 254 9.06 -20.34 1.60
CA ALA A 254 7.73 -20.43 2.15
C ALA A 254 6.81 -21.18 1.18
N LEU A 255 6.99 -21.03 -0.16
CA LEU A 255 6.16 -21.79 -1.10
C LEU A 255 6.40 -23.31 -0.95
N ARG A 256 7.67 -23.71 -0.77
CA ARG A 256 8.05 -25.12 -0.60
C ARG A 256 7.33 -25.70 0.60
N GLU A 257 7.35 -25.01 1.76
CA GLU A 257 6.62 -25.52 2.94
C GLU A 257 5.11 -25.56 2.68
N PHE A 258 4.62 -24.64 1.83
CA PHE A 258 3.19 -24.60 1.59
C PHE A 258 2.81 -25.81 0.72
N ILE A 259 3.60 -26.11 -0.32
CA ILE A 259 3.46 -27.31 -1.17
C ILE A 259 3.52 -28.58 -0.31
N ALA A 260 4.51 -28.71 0.62
CA ALA A 260 4.56 -29.89 1.51
C ALA A 260 3.20 -30.05 2.22
N GLU A 261 2.64 -28.95 2.74
CA GLU A 261 1.34 -28.96 3.47
C GLU A 261 0.19 -29.40 2.54
N VAL A 262 0.16 -28.87 1.32
CA VAL A 262 -0.92 -29.21 0.37
C VAL A 262 -0.83 -30.70 -0.03
N CYS A 263 0.40 -31.28 -0.05
CA CYS A 263 0.63 -32.68 -0.39
C CYS A 263 0.09 -33.63 0.67
N ALA A 264 -0.01 -33.22 1.93
CA ALA A 264 -0.59 -34.04 2.99
C ALA A 264 -2.18 -33.90 3.08
N ASP A 266 -5.42 -35.11 1.74
CA ASP A 266 -5.88 -36.26 1.00
C ASP A 266 -7.17 -36.01 0.25
N ASP A 267 -7.89 -34.93 0.57
CA ASP A 267 -9.14 -34.57 -0.13
C ASP A 267 -8.82 -33.85 -1.44
N VAL A 268 -7.59 -33.35 -1.55
CA VAL A 268 -7.10 -32.50 -2.66
C VAL A 268 -6.42 -33.32 -3.75
N TRP A 269 -6.78 -33.01 -5.00
CA TRP A 269 -6.15 -33.55 -6.18
C TRP A 269 -5.14 -32.54 -6.66
N VAL A 270 -3.82 -32.76 -6.46
CA VAL A 270 -2.79 -31.85 -6.95
C VAL A 270 -2.46 -32.29 -8.38
N ALA A 271 -2.77 -31.50 -9.40
CA ALA A 271 -2.60 -31.97 -10.76
C ALA A 271 -2.04 -30.94 -11.71
N GLY A 272 -1.65 -31.39 -12.92
CA GLY A 272 -1.27 -30.51 -14.02
C GLY A 272 -2.55 -29.90 -14.60
N SER A 274 -3.54 -29.49 -17.96
CA SER A 274 -4.15 -30.28 -19.02
C SER A 274 -4.86 -31.51 -18.42
N GLN A 275 -4.35 -32.08 -17.29
CA GLN A 275 -4.96 -33.24 -16.61
C GLN A 275 -6.30 -32.85 -15.97
N ILE A 276 -6.38 -31.64 -15.37
CA ILE A 276 -7.63 -31.15 -14.79
C ILE A 276 -8.59 -30.91 -15.95
N ALA A 277 -8.12 -30.23 -16.99
CA ALA A 277 -8.96 -29.93 -18.15
C ALA A 277 -9.48 -31.21 -18.79
N GLU A 278 -8.63 -32.27 -18.97
CA GLU A 278 -9.10 -33.52 -19.58
C GLU A 278 -10.14 -34.19 -18.68
N HIS A 279 -10.01 -34.05 -17.33
CA HIS A 279 -11.03 -34.60 -16.41
C HIS A 279 -12.37 -33.91 -16.61
N VAL A 280 -12.33 -32.58 -16.72
CA VAL A 280 -13.49 -31.71 -16.93
C VAL A 280 -14.14 -32.06 -18.30
N ARG A 281 -13.34 -32.05 -19.38
CA ARG A 281 -13.85 -32.39 -20.71
C ARG A 281 -14.62 -33.75 -20.70
N ALA A 282 -14.14 -34.74 -19.92
CA ALA A 282 -14.76 -36.08 -19.83
C ALA A 282 -16.13 -36.02 -19.20
N GLN A 283 -16.44 -34.99 -18.39
CA GLN A 283 -17.73 -34.86 -17.70
C GLN A 283 -18.82 -34.39 -18.62
N LYS A 284 -18.44 -33.96 -19.86
CA LYS A 284 -19.37 -33.47 -20.90
C LYS A 284 -20.35 -32.38 -20.35
N LEU A 285 -19.79 -31.33 -19.74
CA LEU A 285 -20.58 -30.25 -19.15
C LEU A 285 -21.38 -29.49 -20.21
N THR A 286 -22.47 -28.84 -19.80
CA THR A 286 -23.19 -28.00 -20.78
C THR A 286 -22.39 -26.68 -20.91
N PRO A 287 -21.95 -26.29 -22.14
CA PRO A 287 -21.22 -25.02 -22.28
C PRO A 287 -22.03 -23.80 -21.87
N ARG A 288 -21.31 -22.82 -21.27
CA ARG A 288 -21.83 -21.54 -20.80
C ARG A 288 -20.87 -20.45 -21.20
N THR A 289 -21.33 -19.24 -21.19
CA THR A 289 -20.45 -18.09 -21.42
C THR A 289 -21.14 -16.81 -20.97
N LEU A 290 -20.31 -15.86 -20.47
CA LEU A 290 -20.75 -14.48 -20.24
C LEU A 290 -20.82 -13.85 -21.61
N THR A 291 -21.57 -12.76 -21.72
CA THR A 291 -21.71 -12.03 -22.98
C THR A 291 -21.37 -10.60 -22.66
N ARG A 292 -20.93 -9.86 -23.69
CA ARG A 292 -20.57 -8.45 -23.59
C ARG A 292 -21.75 -7.65 -22.99
N PRO A 293 -21.49 -6.90 -21.90
CA PRO A 293 -22.54 -6.04 -21.32
C PRO A 293 -22.99 -4.99 -22.34
N GLU A 294 -24.30 -4.86 -22.57
CA GLU A 294 -24.75 -3.90 -23.57
C GLU A 294 -25.30 -2.70 -22.87
N LEU A 295 -25.03 -1.51 -23.44
CA LEU A 295 -25.39 -0.27 -22.77
C LEU A 295 -26.46 0.54 -23.53
N THR A 296 -27.46 1.02 -22.75
CA THR A 296 -28.68 1.77 -23.11
C THR A 296 -29.52 0.97 -24.12
N GLU B 10 24.78 -20.44 -24.14
CA GLU B 10 24.98 -18.99 -24.20
C GLU B 10 25.14 -18.42 -22.77
N LEU B 11 24.11 -17.76 -22.19
CA LEU B 11 24.21 -17.29 -20.82
C LEU B 11 23.94 -18.40 -19.80
N THR B 12 24.89 -18.55 -18.87
CA THR B 12 24.88 -19.48 -17.76
C THR B 12 24.40 -18.79 -16.47
N PRO B 13 23.71 -19.49 -15.53
CA PRO B 13 23.41 -18.87 -14.23
C PRO B 13 24.68 -18.77 -13.38
N ALA B 14 24.76 -17.82 -12.42
CA ALA B 14 25.94 -17.75 -11.56
C ALA B 14 25.93 -18.93 -10.58
N ALA B 15 27.08 -19.60 -10.45
CA ALA B 15 27.26 -20.74 -9.59
C ALA B 15 27.73 -20.34 -8.18
N PRO B 16 27.53 -21.19 -7.14
CA PRO B 16 27.95 -20.80 -5.78
C PRO B 16 29.46 -20.65 -5.66
N VAL B 17 29.91 -19.76 -4.80
CA VAL B 17 31.34 -19.57 -4.53
C VAL B 17 31.62 -20.21 -3.17
N SER B 18 32.85 -20.66 -2.94
CA SER B 18 33.29 -21.21 -1.66
C SER B 18 33.62 -20.06 -0.75
N TRP B 19 33.07 -20.02 0.45
CA TRP B 19 33.35 -18.93 1.38
C TRP B 19 34.54 -19.32 2.26
N PRO B 20 35.30 -18.34 2.80
CA PRO B 20 36.50 -18.71 3.55
C PRO B 20 36.22 -19.27 4.92
N ASP B 21 37.16 -20.12 5.39
CA ASP B 21 37.28 -20.68 6.72
C ASP B 21 35.97 -21.28 7.25
N GLY B 22 35.34 -22.14 6.46
CA GLY B 22 34.17 -22.89 6.86
C GLY B 22 32.85 -22.14 6.87
N LYS B 23 32.83 -20.85 6.49
CA LYS B 23 31.61 -20.04 6.39
C LYS B 23 30.81 -20.50 5.16
N THR B 24 29.48 -20.38 5.17
CA THR B 24 28.73 -20.91 4.03
C THR B 24 27.79 -19.89 3.47
N CYS B 25 27.85 -18.69 3.96
CA CYS B 25 27.01 -17.55 3.52
C CYS B 25 27.77 -16.28 3.83
N ALA B 26 27.72 -15.28 2.93
CA ALA B 26 28.30 -13.96 3.20
C ALA B 26 27.17 -12.95 3.42
N VAL B 27 27.28 -12.13 4.46
CA VAL B 27 26.34 -11.05 4.77
C VAL B 27 27.09 -9.73 4.68
N ALA B 28 26.52 -8.75 3.93
CA ALA B 28 27.05 -7.38 3.86
C ALA B 28 25.96 -6.37 4.24
N PHE B 29 26.22 -5.58 5.31
CA PHE B 29 25.34 -4.49 5.76
C PHE B 29 25.81 -3.29 5.02
N THR B 30 25.00 -2.82 4.03
CA THR B 30 25.39 -1.66 3.22
C THR B 30 24.42 -0.48 3.47
N PHE B 31 24.93 0.75 3.27
CA PHE B 31 24.20 1.97 3.56
C PHE B 31 24.39 2.97 2.44
N ASP B 32 23.28 3.44 1.84
CA ASP B 32 23.37 4.43 0.77
C ASP B 32 23.03 5.78 1.42
N VAL B 33 24.05 6.65 1.57
CA VAL B 33 23.90 7.93 2.25
C VAL B 33 23.39 8.95 1.25
N ASP B 34 22.21 8.66 0.72
CA ASP B 34 21.55 9.40 -0.30
C ASP B 34 21.27 10.82 0.15
N ALA B 35 20.74 11.00 1.40
CA ALA B 35 20.38 12.31 1.94
C ALA B 35 19.55 13.12 0.90
N GLU B 36 19.96 14.37 0.59
CA GLU B 36 19.20 15.27 -0.30
C GLU B 36 19.30 14.88 -1.75
N SER B 37 20.48 14.40 -2.18
CA SER B 37 20.80 14.20 -3.60
C SER B 37 19.73 13.54 -4.48
N PRO B 38 18.97 12.46 -4.12
CA PRO B 38 18.03 11.90 -5.12
C PRO B 38 16.93 12.89 -5.49
N LEU B 39 16.52 13.74 -4.53
CA LEU B 39 15.49 14.74 -4.76
C LEU B 39 16.01 15.88 -5.61
N LEU B 40 17.23 16.34 -5.30
CA LEU B 40 17.82 17.45 -6.01
C LEU B 40 18.05 17.19 -7.50
N THR B 41 18.43 15.97 -7.90
CA THR B 41 18.63 15.64 -9.32
C THR B 41 17.28 15.52 -10.06
N THR B 42 16.25 14.97 -9.37
CA THR B 42 14.89 14.83 -9.86
C THR B 42 14.30 16.23 -10.14
N ASP B 43 14.42 17.17 -9.18
CA ASP B 43 13.92 18.54 -9.38
C ASP B 43 14.69 19.46 -8.49
N PRO B 44 15.52 20.38 -9.04
CA PRO B 44 16.30 21.28 -8.17
C PRO B 44 15.45 22.12 -7.24
N ALA B 45 14.15 22.31 -7.57
CA ALA B 45 13.22 23.11 -6.76
C ALA B 45 12.95 22.42 -5.42
N PHE B 46 13.31 21.11 -5.25
CA PHE B 46 13.24 20.48 -3.93
C PHE B 46 14.19 21.19 -2.88
N ALA B 47 15.22 21.90 -3.35
CA ALA B 47 16.19 22.61 -2.47
C ALA B 47 15.47 23.71 -1.67
N ASP B 48 14.37 24.21 -2.26
CA ASP B 48 13.53 25.26 -1.69
C ASP B 48 12.65 24.74 -0.55
N ARG B 49 12.48 23.44 -0.43
CA ARG B 49 11.64 22.81 0.55
C ARG B 49 12.41 22.55 1.77
N GLY B 51 11.33 21.83 4.82
CA GLY B 51 10.86 20.64 5.53
C GLY B 51 11.45 19.34 5.01
N THR B 52 11.28 19.10 3.70
CA THR B 52 11.80 17.90 3.03
C THR B 52 13.29 17.85 3.11
N SER B 54 15.07 19.08 5.55
CA SER B 54 15.39 18.75 6.94
C SER B 54 15.25 17.23 7.19
N HIS B 55 14.27 16.56 6.55
CA HIS B 55 14.03 15.12 6.66
C HIS B 55 15.21 14.37 6.03
N GLN B 56 15.71 14.89 4.91
CA GLN B 56 16.81 14.28 4.17
C GLN B 56 18.12 14.51 4.91
N ALA B 57 18.29 15.69 5.56
CA ALA B 57 19.55 16.04 6.31
C ALA B 57 19.69 15.12 7.57
N TYR B 58 18.58 14.63 8.15
CA TYR B 58 18.58 13.69 9.31
C TYR B 58 19.50 12.49 9.10
N GLY B 59 19.53 11.93 7.88
CA GLY B 59 20.43 10.83 7.51
C GLY B 59 21.87 11.08 7.92
N PRO B 60 22.56 12.03 7.25
CA PRO B 60 23.94 12.32 7.64
C PRO B 60 24.08 12.88 9.08
N LEU B 61 23.16 13.76 9.57
CA LEU B 61 23.27 14.34 10.90
C LEU B 61 22.99 13.38 12.04
N VAL B 62 21.99 12.51 11.89
CA VAL B 62 21.58 11.67 13.03
C VAL B 62 21.75 10.16 12.74
N GLY B 63 21.27 9.73 11.56
CA GLY B 63 21.32 8.35 11.08
C GLY B 63 22.73 7.77 11.01
N VAL B 64 23.67 8.50 10.36
CA VAL B 64 25.06 8.05 10.19
C VAL B 64 25.73 7.81 11.61
N PRO B 65 25.78 8.78 12.60
CA PRO B 65 26.36 8.42 13.91
C PRO B 65 25.60 7.30 14.63
N ARG B 66 24.27 7.26 14.57
CA ARG B 66 23.52 6.18 15.23
C ARG B 66 23.95 4.82 14.69
N LEU B 67 23.95 4.65 13.36
CA LEU B 67 24.32 3.40 12.71
C LEU B 67 25.78 3.05 12.97
N LEU B 68 26.72 4.03 12.98
CA LEU B 68 28.13 3.80 13.33
C LEU B 68 28.26 3.26 14.76
N GLY B 69 27.44 3.74 15.67
CA GLY B 69 27.39 3.27 17.05
C GLY B 69 26.92 1.83 17.14
N ILE B 70 25.98 1.46 16.29
CA ILE B 70 25.48 0.07 16.26
C ILE B 70 26.55 -0.88 15.68
N LEU B 71 27.15 -0.47 14.55
CA LEU B 71 28.18 -1.28 13.87
C LEU B 71 29.34 -1.45 14.79
N ASP B 72 29.65 -0.40 15.58
CA ASP B 72 30.76 -0.40 16.55
C ASP B 72 30.46 -1.36 17.72
N GLU B 73 29.25 -1.30 18.32
CA GLU B 73 28.88 -2.21 19.42
C GLU B 73 29.12 -3.67 19.08
N PHE B 74 28.80 -4.08 17.85
CA PHE B 74 28.94 -5.49 17.45
C PHE B 74 30.22 -5.75 16.64
N ASN B 75 31.14 -4.75 16.48
CA ASN B 75 32.37 -4.90 15.68
C ASN B 75 32.06 -5.37 14.24
N VAL B 76 31.03 -4.77 13.62
CA VAL B 76 30.57 -5.11 12.28
C VAL B 76 31.12 -4.13 11.25
N PRO B 77 31.70 -4.64 10.13
CA PRO B 77 32.07 -3.71 9.05
C PRO B 77 30.82 -3.33 8.20
N GLY B 78 30.63 -2.04 7.94
CA GLY B 78 29.57 -1.55 7.08
C GLY B 78 30.18 -0.97 5.82
N THR B 79 29.47 -1.02 4.73
CA THR B 79 29.93 -0.38 3.50
C THR B 79 28.95 0.77 3.21
N PHE B 80 29.47 1.96 3.07
CA PHE B 80 28.69 3.19 2.90
C PHE B 80 28.89 3.73 1.51
N PHE B 81 27.86 3.67 0.70
CA PHE B 81 27.81 4.19 -0.68
C PHE B 81 27.43 5.65 -0.55
N VAL B 82 28.36 6.55 -0.90
CA VAL B 82 28.16 7.98 -0.65
C VAL B 82 28.20 8.78 -1.93
N PRO B 83 27.05 9.33 -2.40
CA PRO B 83 27.11 10.28 -3.55
C PRO B 83 28.09 11.44 -3.25
N GLY B 84 28.86 11.93 -4.26
CA GLY B 84 29.80 13.03 -4.08
C GLY B 84 29.18 14.28 -3.46
N TYR B 85 27.96 14.60 -3.86
CA TYR B 85 27.21 15.75 -3.31
C TYR B 85 26.95 15.64 -1.78
N THR B 86 26.57 14.43 -1.30
CA THR B 86 26.41 14.19 0.13
C THR B 86 27.69 14.48 0.82
N ALA B 87 28.85 13.98 0.26
CA ALA B 87 30.15 14.26 0.86
C ALA B 87 30.42 15.78 0.88
N HIS B 88 30.14 16.49 -0.23
CA HIS B 88 30.40 17.95 -0.25
C HIS B 88 29.50 18.75 0.71
N ARG B 89 28.22 18.35 0.91
CA ARG B 89 27.27 19.07 1.78
C ARG B 89 27.41 18.66 3.24
N HIS B 90 27.80 17.41 3.50
CA HIS B 90 27.90 16.87 4.88
C HIS B 90 29.25 16.30 5.08
N PRO B 91 30.34 17.11 4.93
CA PRO B 91 31.69 16.53 5.00
C PRO B 91 31.99 15.88 6.33
N GLU B 92 31.55 16.43 7.47
CA GLU B 92 31.90 15.83 8.76
C GLU B 92 31.31 14.43 8.89
N PRO B 93 29.98 14.17 8.67
CA PRO B 93 29.48 12.81 8.79
C PRO B 93 30.18 11.81 7.87
N ILE B 94 30.57 12.19 6.64
CA ILE B 94 31.22 11.26 5.71
C ILE B 94 32.67 10.98 6.14
N ARG B 95 33.31 12.01 6.72
CA ARG B 95 34.63 11.83 7.26
C ARG B 95 34.53 10.94 8.48
N SER B 96 33.45 11.04 9.28
CA SER B 96 33.28 10.21 10.47
C SER B 96 33.28 8.71 10.10
N ILE B 97 32.73 8.35 8.91
CA ILE B 97 32.63 6.96 8.38
C ILE B 97 34.05 6.44 8.13
N ALA B 98 34.86 7.23 7.42
CA ALA B 98 36.25 6.83 7.09
C ALA B 98 37.04 6.63 8.35
N ARG B 99 36.89 7.54 9.33
CA ARG B 99 37.69 7.54 10.56
C ARG B 99 37.38 6.33 11.44
N ALA B 100 36.16 5.85 11.33
CA ALA B 100 35.63 4.67 12.04
C ALA B 100 36.11 3.37 11.39
N GLY B 101 36.73 3.49 10.22
CA GLY B 101 37.37 2.39 9.50
C GLY B 101 36.47 1.70 8.50
N HIS B 102 35.27 2.24 8.27
CA HIS B 102 34.34 1.59 7.33
C HIS B 102 34.63 2.01 5.92
N GLU B 103 34.41 1.10 4.97
CA GLU B 103 34.56 1.36 3.54
C GLU B 103 33.54 2.40 3.00
N ILE B 104 34.04 3.28 2.12
CA ILE B 104 33.22 4.24 1.42
C ILE B 104 33.27 3.85 -0.03
N ALA B 105 32.10 3.74 -0.64
CA ALA B 105 32.05 3.36 -2.04
C ALA B 105 31.27 4.42 -2.82
N HIS B 106 31.38 4.38 -4.16
CA HIS B 106 30.81 5.37 -5.08
C HIS B 106 29.34 5.21 -5.32
N HIS B 107 28.64 6.32 -5.43
CA HIS B 107 27.21 6.31 -5.66
C HIS B 107 26.86 7.61 -6.42
N GLY B 108 27.61 7.85 -7.52
CA GLY B 108 27.33 9.03 -8.34
C GLY B 108 27.81 10.32 -7.69
N TYR B 109 27.36 11.46 -8.24
CA TYR B 109 27.70 12.79 -7.68
C TYR B 109 26.40 13.33 -7.11
N LEU B 110 25.50 13.77 -7.97
CA LEU B 110 24.21 14.17 -7.43
C LEU B 110 23.20 12.98 -7.55
N HIS B 111 23.67 11.72 -7.29
CA HIS B 111 22.79 10.54 -7.34
C HIS B 111 22.01 10.56 -8.67
N GLU B 112 22.69 10.85 -9.80
CA GLU B 112 22.00 10.99 -11.07
C GLU B 112 21.46 9.67 -11.63
N SER B 113 20.30 9.73 -12.27
CA SER B 113 19.77 8.60 -13.00
C SER B 113 20.62 8.43 -14.27
N LEU B 114 21.04 7.21 -14.55
CA LEU B 114 21.84 6.89 -15.72
C LEU B 114 20.98 6.66 -16.97
N VAL B 115 19.65 6.53 -16.81
CA VAL B 115 18.72 6.36 -17.91
C VAL B 115 18.93 7.49 -18.92
N GLY B 116 19.40 7.11 -20.09
CA GLY B 116 19.67 8.00 -21.20
C GLY B 116 21.04 8.63 -21.22
N ALA B 117 21.91 8.31 -20.23
CA ALA B 117 23.23 8.94 -20.15
C ALA B 117 24.18 8.30 -21.15
N ASP B 118 24.91 9.14 -21.90
CA ASP B 118 25.86 8.59 -22.82
C ASP B 118 27.12 8.28 -22.00
N GLU B 119 28.08 7.51 -22.58
CA GLU B 119 29.31 7.08 -21.92
C GLU B 119 30.06 8.26 -21.30
N ASP B 120 30.23 9.36 -22.07
CA ASP B 120 30.95 10.53 -21.60
C ASP B 120 30.27 11.20 -20.40
N THR B 121 28.91 11.28 -20.42
CA THR B 121 28.12 11.83 -19.30
C THR B 121 28.42 10.99 -18.04
N GLU B 122 28.44 9.64 -18.20
CA GLU B 122 28.69 8.72 -17.10
C GLU B 122 30.12 8.81 -16.59
N ARG B 123 31.13 8.85 -17.50
CA ARG B 123 32.54 9.07 -17.13
C ARG B 123 32.73 10.38 -16.32
N LYS B 124 32.08 11.47 -16.77
CA LYS B 124 32.19 12.77 -16.08
C LYS B 124 31.65 12.66 -14.65
N ILE B 125 30.52 11.95 -14.48
CA ILE B 125 29.93 11.73 -13.16
C ILE B 125 30.88 10.87 -12.29
N LEU B 126 31.51 9.77 -12.86
CA LEU B 126 32.41 8.90 -12.11
C LEU B 126 33.56 9.70 -11.54
N THR B 127 34.19 10.57 -12.38
CA THR B 127 35.30 11.48 -12.06
C THR B 127 34.89 12.43 -10.94
N ARG B 128 33.72 13.04 -11.12
CA ARG B 128 33.21 14.02 -10.19
C ARG B 128 33.01 13.38 -8.80
N GLY B 129 32.40 12.19 -8.74
CA GLY B 129 32.21 11.49 -7.48
C GLY B 129 33.54 11.09 -6.85
N ILE B 130 34.48 10.62 -7.68
CA ILE B 130 35.78 10.20 -7.16
C ILE B 130 36.49 11.39 -6.53
N GLU B 131 36.57 12.52 -7.27
CA GLU B 131 37.19 13.74 -6.78
C GLU B 131 36.54 14.23 -5.50
N ALA B 132 35.20 14.13 -5.35
CA ALA B 132 34.49 14.56 -4.13
C ALA B 132 34.90 13.69 -2.92
N LEU B 133 34.91 12.37 -3.08
CA LEU B 133 35.25 11.48 -1.97
C LEU B 133 36.74 11.57 -1.62
N GLU B 134 37.61 11.79 -2.62
CA GLU B 134 39.04 12.01 -2.38
C GLU B 134 39.23 13.32 -1.56
N GLU B 135 38.69 14.45 -2.06
CA GLU B 135 38.71 15.77 -1.43
C GLU B 135 38.28 15.75 0.05
N VAL B 136 37.06 15.23 0.31
CA VAL B 136 36.40 15.25 1.62
C VAL B 136 36.90 14.20 2.60
N ALA B 137 37.02 12.95 2.17
CA ALA B 137 37.29 11.86 3.07
C ALA B 137 38.69 11.21 2.89
N GLY B 138 39.40 11.54 1.79
CA GLY B 138 40.73 10.98 1.52
C GLY B 138 40.62 9.55 1.05
N VAL B 139 39.49 9.25 0.40
CA VAL B 139 39.07 7.96 -0.06
C VAL B 139 39.05 7.87 -1.59
N HIS B 140 39.60 6.79 -2.12
CA HIS B 140 39.45 6.43 -3.53
C HIS B 140 38.62 5.16 -3.54
N PRO B 141 37.31 5.24 -3.88
CA PRO B 141 36.44 4.05 -3.80
C PRO B 141 36.79 2.97 -4.81
N VAL B 142 36.64 1.69 -4.42
CA VAL B 142 36.89 0.50 -5.28
C VAL B 142 35.53 -0.19 -5.58
N GLY B 143 34.48 0.29 -4.90
CA GLY B 143 33.12 -0.19 -5.08
C GLY B 143 32.20 0.84 -5.71
N TYR B 144 31.20 0.39 -6.48
CA TYR B 144 30.22 1.28 -7.13
C TYR B 144 28.81 0.64 -7.05
N ARG B 145 27.79 1.49 -6.85
CA ARG B 145 26.38 1.13 -6.83
C ARG B 145 25.69 2.19 -7.64
N ALA B 146 24.96 1.83 -8.71
CA ALA B 146 24.29 2.87 -9.50
C ALA B 146 23.12 3.51 -8.75
N PRO B 147 23.03 4.87 -8.79
CA PRO B 147 21.86 5.54 -8.18
C PRO B 147 20.60 4.98 -8.80
N TRP B 149 19.62 2.04 -8.66
CA TRP B 149 19.88 0.64 -9.02
C TRP B 149 19.57 0.38 -10.50
N GLU B 150 19.93 1.35 -11.34
CA GLU B 150 19.72 1.28 -12.79
C GLU B 150 20.98 1.71 -13.55
N ASN B 152 23.42 1.32 -17.59
CA ASN B 152 23.35 1.00 -19.00
C ASN B 152 24.22 -0.23 -19.36
N TRP B 153 23.93 -0.86 -20.50
CA TRP B 153 24.71 -2.00 -20.95
C TRP B 153 26.20 -1.62 -21.10
N HIS B 154 26.50 -0.33 -21.32
CA HIS B 154 27.88 0.14 -21.47
C HIS B 154 28.53 0.49 -20.12
N THR B 155 27.77 0.54 -19.01
CA THR B 155 28.33 0.99 -17.71
C THR B 155 29.41 0.02 -17.18
N PRO B 156 29.21 -1.32 -17.17
CA PRO B 156 30.26 -2.23 -16.64
C PRO B 156 31.64 -1.96 -17.26
N LYS B 157 31.70 -1.68 -18.56
CA LYS B 157 32.97 -1.42 -19.23
C LYS B 157 33.57 -0.06 -18.76
N LEU B 158 32.71 0.93 -18.38
CA LEU B 158 33.17 2.21 -17.83
C LEU B 158 33.77 1.99 -16.45
N LEU B 159 33.08 1.17 -15.62
CA LEU B 159 33.57 0.88 -14.27
C LEU B 159 34.89 0.12 -14.28
N ALA B 160 35.06 -0.80 -15.23
CA ALA B 160 36.30 -1.57 -15.39
C ALA B 160 37.40 -0.62 -15.81
N GLU B 161 37.13 0.20 -16.86
CA GLU B 161 38.02 1.24 -17.38
C GLU B 161 38.47 2.15 -16.21
N PHE B 162 37.58 2.43 -15.21
CA PHE B 162 37.92 3.28 -14.05
C PHE B 162 38.65 2.51 -12.89
N GLY B 163 38.88 1.22 -13.07
CA GLY B 163 39.61 0.40 -12.11
C GLY B 163 38.82 -0.01 -10.88
N PHE B 164 37.49 0.01 -10.96
CA PHE B 164 36.70 -0.44 -9.81
C PHE B 164 36.89 -1.94 -9.56
N LEU B 165 36.94 -2.39 -8.28
CA LEU B 165 36.97 -3.78 -7.89
C LEU B 165 35.58 -4.40 -8.12
N TYR B 166 34.49 -3.74 -7.67
CA TYR B 166 33.17 -4.34 -7.86
C TYR B 166 32.03 -3.34 -8.11
N ASP B 167 30.91 -3.89 -8.57
CA ASP B 167 29.62 -3.25 -8.73
C ASP B 167 28.60 -4.00 -7.86
N SER B 168 27.66 -3.25 -7.24
CA SER B 168 26.59 -3.83 -6.42
C SER B 168 25.25 -3.20 -6.87
N THR B 169 24.81 -3.50 -8.10
CA THR B 169 23.58 -2.97 -8.72
C THR B 169 22.64 -4.03 -9.31
N LEU B 170 23.22 -5.12 -9.85
CA LEU B 170 22.49 -6.14 -10.60
C LEU B 170 21.79 -7.13 -9.73
N ASP B 172 20.42 -10.41 -11.11
CA ASP B 172 20.22 -11.68 -11.83
C ASP B 172 20.80 -12.86 -11.09
N SER B 173 21.22 -12.70 -9.85
CA SER B 173 21.89 -13.81 -9.15
C SER B 173 21.78 -13.72 -7.65
N ASP B 174 21.88 -14.84 -6.97
CA ASP B 174 22.03 -14.93 -5.51
C ASP B 174 23.51 -15.01 -5.17
N HIS B 175 24.33 -15.40 -6.18
CA HIS B 175 25.75 -15.61 -6.00
C HIS B 175 26.53 -14.49 -6.61
N PRO B 176 27.64 -14.10 -5.94
CA PRO B 176 28.52 -13.10 -6.53
C PRO B 176 29.14 -13.71 -7.78
N TYR B 177 29.54 -12.88 -8.74
CA TYR B 177 30.12 -13.42 -9.98
C TYR B 177 31.06 -12.43 -10.61
N GLU B 178 31.75 -12.83 -11.69
CA GLU B 178 32.64 -11.97 -12.47
C GLU B 178 31.86 -11.52 -13.69
N LEU B 179 31.60 -10.21 -13.80
CA LEU B 179 30.85 -9.60 -14.87
C LEU B 179 31.77 -9.47 -16.10
N ALA B 180 31.33 -9.98 -17.26
CA ALA B 180 32.19 -9.95 -18.47
C ALA B 180 32.24 -8.54 -19.06
N VAL B 181 33.45 -7.94 -19.03
CA VAL B 181 33.79 -6.55 -19.45
C VAL B 181 35.03 -6.52 -20.38
N GLY B 182 35.21 -7.51 -21.25
CA GLY B 182 36.38 -7.56 -22.13
C GLY B 182 37.68 -7.89 -21.41
N ASP B 183 38.78 -7.18 -21.76
CA ASP B 183 40.14 -7.38 -21.21
C ASP B 183 40.26 -6.96 -19.69
N GLY B 184 39.32 -6.14 -19.22
CA GLY B 184 39.27 -5.71 -17.82
C GLY B 184 38.67 -6.75 -16.88
N SER B 185 38.32 -6.32 -15.65
CA SER B 185 37.71 -7.23 -14.67
C SER B 185 36.80 -6.48 -13.69
N LEU B 186 35.61 -7.04 -13.41
CA LEU B 186 34.67 -6.45 -12.47
C LEU B 186 33.80 -7.50 -11.76
N VAL B 187 33.91 -7.56 -10.42
CA VAL B 187 33.11 -8.43 -9.56
C VAL B 187 31.66 -7.86 -9.46
N GLU B 188 30.66 -8.75 -9.45
CA GLU B 188 29.30 -8.27 -9.22
C GLU B 188 28.85 -8.83 -7.90
N LEU B 189 28.42 -7.95 -6.96
CA LEU B 189 27.85 -8.33 -5.66
C LEU B 189 26.33 -8.01 -5.76
N PRO B 190 25.50 -9.03 -6.13
CA PRO B 190 24.09 -8.75 -6.43
C PRO B 190 23.24 -8.32 -5.25
N VAL B 191 22.21 -7.55 -5.59
CA VAL B 191 21.24 -7.01 -4.63
C VAL B 191 19.81 -7.47 -5.02
N SER B 192 18.80 -6.96 -4.30
CA SER B 192 17.38 -7.21 -4.62
C SER B 192 16.53 -6.16 -3.93
N TRP B 193 15.39 -5.81 -4.57
CA TRP B 193 14.49 -4.77 -4.07
C TRP B 193 13.98 -5.12 -2.68
N ALA B 194 13.90 -6.41 -2.33
CA ALA B 194 13.37 -6.82 -1.03
C ALA B 194 14.34 -6.54 0.13
N LEU B 195 15.66 -6.45 -0.18
CA LEU B 195 16.69 -6.19 0.82
C LEU B 195 17.12 -4.71 0.79
N ASP B 196 16.11 -3.87 0.76
CA ASP B 196 16.20 -2.43 0.71
C ASP B 196 15.12 -1.90 1.65
N ASP B 197 15.43 -0.89 2.51
CA ASP B 197 14.46 -0.30 3.45
C ASP B 197 13.58 0.75 2.77
N TRP B 198 13.97 1.18 1.57
CA TRP B 198 13.27 2.24 0.83
C TRP B 198 11.79 1.88 0.63
N GLN B 199 11.49 0.66 0.16
CA GLN B 199 10.13 0.16 -0.07
C GLN B 199 9.40 -0.18 1.25
N GLN B 200 10.14 -0.17 2.39
CA GLN B 200 9.59 -0.49 3.73
C GLN B 200 9.22 0.80 4.50
N TYR B 201 10.10 1.80 4.43
CA TYR B 201 9.97 3.01 5.24
C TYR B 201 9.78 4.33 4.51
N CYS B 202 10.19 4.46 3.22
CA CYS B 202 10.20 5.78 2.59
C CYS B 202 8.83 6.38 2.35
N PHE B 203 8.71 7.65 2.80
CA PHE B 203 7.60 8.54 2.57
C PHE B 203 8.11 9.99 2.57
N VAL B 204 8.11 10.57 1.37
CA VAL B 204 8.53 11.93 1.06
C VAL B 204 7.46 12.42 0.07
N PRO B 205 6.52 13.32 0.49
CA PRO B 205 5.48 13.76 -0.47
C PRO B 205 6.10 14.37 -1.72
N ASP B 206 5.42 14.18 -2.87
CA ASP B 206 5.83 14.65 -4.20
C ASP B 206 7.15 14.00 -4.70
N PHE B 207 7.70 13.02 -3.98
CA PHE B 207 8.94 12.42 -4.45
C PHE B 207 8.82 10.91 -4.62
N SER B 208 8.61 10.20 -3.47
CA SER B 208 8.54 8.75 -3.40
C SER B 208 7.75 8.33 -2.14
N GLY B 209 6.93 7.28 -2.26
CA GLY B 209 6.16 6.72 -1.15
C GLY B 209 4.70 7.05 -1.29
N THR B 210 3.82 6.04 -1.23
CA THR B 210 2.37 6.23 -1.39
C THR B 210 1.65 6.57 -0.06
N GLY B 211 2.37 6.40 1.04
CA GLY B 211 1.87 6.62 2.40
C GLY B 211 2.21 5.45 3.30
N LEU B 212 2.34 4.22 2.71
CA LEU B 212 2.67 3.01 3.46
C LEU B 212 4.01 3.16 4.19
N ILE B 213 3.99 3.05 5.54
CA ILE B 213 5.16 3.08 6.42
C ILE B 213 5.06 1.84 7.32
N GLU B 214 5.90 0.81 7.06
CA GLU B 214 5.89 -0.49 7.76
C GLU B 214 6.50 -0.36 9.13
N THR B 215 6.08 -1.25 10.05
CA THR B 215 6.67 -1.27 11.39
C THR B 215 8.10 -1.79 11.29
N PRO B 216 9.01 -1.44 12.20
CA PRO B 216 10.35 -2.04 12.10
C PRO B 216 10.30 -3.60 12.17
N ALA B 217 9.38 -4.20 12.99
CA ALA B 217 9.32 -5.69 13.09
C ALA B 217 9.01 -6.35 11.74
N LYS B 218 8.10 -5.77 10.93
CA LYS B 218 7.73 -6.33 9.62
C LYS B 218 8.95 -6.27 8.62
N ALA B 219 9.70 -5.15 8.58
CA ALA B 219 10.87 -5.07 7.70
C ALA B 219 11.96 -6.11 8.11
N ILE B 220 12.19 -6.31 9.43
CA ILE B 220 13.19 -7.29 9.94
C ILE B 220 12.67 -8.70 9.62
N GLU B 221 11.34 -8.90 9.78
CA GLU B 221 10.72 -10.19 9.48
C GLU B 221 10.95 -10.53 8.01
N LEU B 222 10.80 -9.54 7.10
CA LEU B 222 10.98 -9.77 5.66
C LEU B 222 12.46 -10.14 5.35
N TRP B 223 13.40 -9.46 6.01
CA TRP B 223 14.81 -9.65 5.79
C TRP B 223 15.31 -10.92 6.38
N ARG B 224 14.78 -11.32 7.53
CA ARG B 224 15.17 -12.55 8.16
C ARG B 224 14.71 -13.76 7.32
N ALA B 225 13.52 -13.70 6.68
CA ALA B 225 13.03 -14.82 5.82
C ALA B 225 13.96 -14.97 4.65
N GLU B 226 14.42 -13.86 4.11
CA GLU B 226 15.35 -13.91 3.00
C GLU B 226 16.71 -14.44 3.45
N LEU B 227 17.22 -13.97 4.61
CA LEU B 227 18.53 -14.39 5.11
C LEU B 227 18.57 -15.86 5.47
N ASN B 228 17.53 -16.38 6.18
CA ASN B 228 17.50 -17.81 6.49
C ASN B 228 17.43 -18.66 5.24
N ALA B 229 16.72 -18.21 4.23
CA ALA B 229 16.71 -19.01 3.01
C ALA B 229 18.07 -18.88 2.26
N ARG B 231 20.98 -18.58 3.57
CA ARG B 231 21.97 -19.38 4.29
C ARG B 231 21.98 -20.84 3.73
N ASP B 232 20.82 -21.36 3.23
CA ASP B 232 20.74 -22.69 2.64
C ASP B 232 21.26 -22.69 1.22
N ILE B 233 21.25 -21.55 0.57
CA ILE B 233 21.73 -21.35 -0.82
C ILE B 233 23.24 -21.08 -0.90
N GLY B 234 23.83 -20.45 0.13
CA GLY B 234 25.27 -20.16 0.13
C GLY B 234 25.67 -18.92 -0.68
N GLY B 235 24.73 -18.00 -0.84
CA GLY B 235 25.02 -16.83 -1.63
C GLY B 235 25.62 -15.70 -0.81
N ALA B 236 25.61 -14.50 -1.40
CA ALA B 236 26.02 -13.25 -0.77
C ALA B 236 24.75 -12.44 -0.47
N TRP B 237 24.38 -12.27 0.80
CA TRP B 237 23.20 -11.56 1.22
C TRP B 237 23.54 -10.08 1.44
N VAL B 238 23.15 -9.21 0.48
CA VAL B 238 23.52 -7.79 0.52
C VAL B 238 22.34 -6.93 0.99
N LEU B 239 22.42 -6.41 2.23
CA LEU B 239 21.33 -5.55 2.72
C LEU B 239 21.63 -4.05 2.44
N THR B 240 20.66 -3.30 1.88
CA THR B 240 20.85 -1.86 1.64
C THR B 240 19.88 -1.09 2.52
N ASN B 241 20.42 -0.20 3.36
CA ASN B 241 19.61 0.68 4.19
C ASN B 241 19.99 2.10 3.88
N HIS B 242 19.12 3.05 4.18
CA HIS B 242 19.43 4.48 4.00
C HIS B 242 19.46 5.13 5.36
N PRO B 243 20.51 5.88 5.76
CA PRO B 243 20.48 6.50 7.11
C PRO B 243 19.27 7.43 7.38
N PHE B 244 18.75 8.19 6.39
CA PHE B 244 17.60 9.09 6.69
C PHE B 244 16.32 8.28 6.95
N LEU B 245 16.33 6.94 6.67
CA LEU B 245 15.18 6.05 6.94
C LEU B 245 15.43 5.17 8.14
N SER B 246 16.41 4.29 8.03
CA SER B 246 16.82 3.33 9.05
C SER B 246 17.50 3.93 10.22
N GLY B 247 17.92 5.18 10.11
CA GLY B 247 18.54 5.88 11.22
C GLY B 247 17.53 6.37 12.25
N ARG B 248 16.21 6.37 11.87
CA ARG B 248 15.14 6.79 12.81
C ARG B 248 15.15 5.87 14.05
N PRO B 249 14.76 6.37 15.25
CA PRO B 249 14.93 5.59 16.49
C PRO B 249 14.43 4.15 16.45
N GLY B 250 13.14 3.94 16.17
CA GLY B 250 12.56 2.61 16.15
C GLY B 250 13.18 1.68 15.13
N ARG B 251 13.52 2.22 13.96
CA ARG B 251 14.10 1.40 12.88
C ARG B 251 15.54 0.97 13.15
N ALA B 252 16.36 1.87 13.76
CA ALA B 252 17.74 1.58 14.09
C ALA B 252 17.75 0.63 15.23
N ALA B 253 16.76 0.71 16.18
CA ALA B 253 16.73 -0.26 17.31
C ALA B 253 16.41 -1.67 16.83
N ALA B 254 15.52 -1.80 15.84
CA ALA B 254 15.22 -3.10 15.25
C ALA B 254 16.39 -3.63 14.45
N LEU B 255 17.12 -2.73 13.73
CA LEU B 255 18.31 -3.11 12.95
C LEU B 255 19.41 -3.63 13.90
N ARG B 256 19.58 -2.92 15.02
CA ARG B 256 20.59 -3.29 16.01
C ARG B 256 20.38 -4.74 16.47
N GLU B 257 19.13 -5.09 16.86
CA GLU B 257 18.79 -6.44 17.35
C GLU B 257 19.04 -7.52 16.26
N PHE B 258 18.69 -7.18 15.01
CA PHE B 258 18.84 -8.04 13.85
C PHE B 258 20.35 -8.30 13.60
N ILE B 259 21.14 -7.26 13.72
CA ILE B 259 22.58 -7.37 13.54
C ILE B 259 23.16 -8.27 14.63
N ALA B 260 22.72 -8.15 15.91
CA ALA B 260 23.18 -9.04 17.00
C ALA B 260 22.90 -10.52 16.65
N GLU B 261 21.68 -10.79 16.16
CA GLU B 261 21.13 -12.06 15.74
C GLU B 261 21.97 -12.68 14.64
N VAL B 262 22.34 -11.88 13.63
CA VAL B 262 23.15 -12.28 12.50
C VAL B 262 24.57 -12.58 13.00
N CYS B 263 25.10 -11.76 13.94
CA CYS B 263 26.45 -12.03 14.46
C CYS B 263 26.52 -13.35 15.17
N ALA B 264 25.38 -13.85 15.69
CA ALA B 264 25.29 -15.12 16.41
C ALA B 264 25.14 -16.33 15.44
N ASP B 266 26.74 -18.76 13.33
CA ASP B 266 28.08 -19.30 13.18
C ASP B 266 28.47 -19.50 11.71
N ASP B 267 27.53 -19.89 10.85
CA ASP B 267 27.75 -20.16 9.42
C ASP B 267 27.93 -18.88 8.54
N VAL B 268 27.52 -17.72 9.04
CA VAL B 268 27.52 -16.51 8.23
C VAL B 268 28.80 -15.73 8.40
N TRP B 269 29.37 -15.23 7.27
CA TRP B 269 30.53 -14.33 7.22
C TRP B 269 30.01 -12.90 7.08
N VAL B 270 30.09 -12.11 8.16
CA VAL B 270 29.64 -10.71 8.15
C VAL B 270 30.85 -9.92 7.68
N ALA B 271 30.78 -9.33 6.49
CA ALA B 271 31.98 -8.70 5.96
C ALA B 271 31.72 -7.37 5.22
N GLY B 272 32.80 -6.63 4.96
CA GLY B 272 32.69 -5.44 4.13
C GLY B 272 32.59 -5.88 2.68
N SER B 274 34.26 -4.78 -0.05
CA SER B 274 35.52 -5.03 -0.77
C SER B 274 36.15 -6.35 -0.34
N GLN B 275 35.92 -6.79 0.92
CA GLN B 275 36.46 -8.06 1.45
C GLN B 275 35.79 -9.23 0.77
N ILE B 276 34.49 -9.11 0.53
CA ILE B 276 33.72 -10.10 -0.19
C ILE B 276 34.23 -10.13 -1.64
N ALA B 277 34.31 -8.96 -2.31
CA ALA B 277 34.79 -8.86 -3.69
C ALA B 277 36.22 -9.38 -3.87
N GLU B 278 37.15 -9.16 -2.92
CA GLU B 278 38.52 -9.69 -3.06
C GLU B 278 38.49 -11.19 -2.95
N HIS B 279 37.62 -11.74 -2.04
CA HIS B 279 37.55 -13.21 -1.92
C HIS B 279 37.04 -13.78 -3.23
N VAL B 280 36.06 -13.10 -3.88
CA VAL B 280 35.45 -13.61 -5.12
C VAL B 280 36.49 -13.52 -6.24
N ARG B 281 37.20 -12.38 -6.33
CA ARG B 281 38.23 -12.19 -7.35
C ARG B 281 39.30 -13.32 -7.30
N ALA B 282 39.75 -13.72 -6.09
CA ALA B 282 40.77 -14.77 -5.85
C ALA B 282 40.30 -16.16 -6.35
N GLN B 283 38.96 -16.39 -6.47
CA GLN B 283 38.39 -17.67 -6.97
C GLN B 283 38.57 -17.79 -8.48
N LYS B 284 38.93 -16.68 -9.14
CA LYS B 284 39.15 -16.63 -10.58
C LYS B 284 37.99 -17.26 -11.32
N LEU B 285 36.86 -16.60 -11.31
CA LEU B 285 35.67 -17.21 -11.92
C LEU B 285 35.65 -16.90 -13.38
N THR B 286 34.93 -17.70 -14.15
CA THR B 286 34.75 -17.51 -15.59
C THR B 286 33.77 -16.31 -15.76
N PRO B 287 34.14 -15.20 -16.40
CA PRO B 287 33.19 -14.08 -16.51
C PRO B 287 31.89 -14.43 -17.23
N ARG B 288 30.81 -13.71 -16.93
CA ARG B 288 29.48 -13.90 -17.54
C ARG B 288 28.78 -12.55 -17.59
N THR B 289 27.76 -12.43 -18.45
CA THR B 289 26.92 -11.24 -18.52
C THR B 289 25.65 -11.50 -19.29
N LEU B 290 24.63 -10.76 -18.93
CA LEU B 290 23.40 -10.65 -19.68
C LEU B 290 23.71 -9.77 -20.85
N THR B 291 22.92 -9.89 -21.90
CA THR B 291 23.11 -9.01 -23.03
C THR B 291 21.79 -8.36 -23.25
N ARG B 292 21.84 -7.17 -23.86
CA ARG B 292 20.66 -6.40 -24.16
C ARG B 292 19.64 -7.21 -24.97
N PRO B 293 18.37 -7.33 -24.45
CA PRO B 293 17.29 -7.98 -25.23
C PRO B 293 17.18 -7.45 -26.66
N GLU B 294 17.00 -8.32 -27.63
CA GLU B 294 16.89 -7.90 -29.03
C GLU B 294 15.49 -8.16 -29.50
N LEU B 295 14.89 -7.14 -30.17
CA LEU B 295 13.50 -7.07 -30.63
C LEU B 295 13.43 -6.65 -32.11
N GLU C 10 30.14 24.51 8.96
CA GLU C 10 29.90 23.16 9.48
C GLU C 10 28.65 23.09 10.39
N LEU C 11 27.54 22.50 9.88
CA LEU C 11 26.33 22.37 10.71
C LEU C 11 26.46 21.29 11.79
N THR C 12 26.32 21.70 13.04
CA THR C 12 26.33 20.85 14.21
C THR C 12 25.01 20.06 14.29
N PRO C 13 25.01 18.75 14.61
CA PRO C 13 23.72 18.05 14.81
C PRO C 13 23.11 18.53 16.13
N ALA C 14 21.80 18.47 16.32
CA ALA C 14 21.22 18.91 17.58
C ALA C 14 21.72 17.98 18.73
N ALA C 15 21.97 18.49 19.93
CA ALA C 15 22.43 17.70 21.08
C ALA C 15 21.25 17.39 22.05
N PRO C 16 21.35 16.36 22.94
CA PRO C 16 20.25 16.12 23.90
C PRO C 16 19.99 17.31 24.83
N VAL C 17 18.72 17.52 25.22
CA VAL C 17 18.38 18.60 26.16
C VAL C 17 18.08 17.95 27.55
N SER C 18 18.31 18.68 28.65
CA SER C 18 18.04 18.07 29.94
C SER C 18 16.56 18.27 30.22
N TRP C 19 15.91 17.22 30.72
CA TRP C 19 14.48 17.26 30.95
C TRP C 19 14.24 17.47 32.41
N PRO C 20 13.06 17.99 32.81
CA PRO C 20 12.85 18.31 34.24
C PRO C 20 12.45 17.14 35.09
N ASP C 21 12.43 17.33 36.41
CA ASP C 21 11.86 16.40 37.39
C ASP C 21 12.36 14.92 37.27
N GLY C 22 13.67 14.74 37.04
CA GLY C 22 14.30 13.43 36.98
C GLY C 22 13.87 12.66 35.73
N LYS C 23 13.02 13.27 34.94
CA LYS C 23 12.50 12.68 33.65
C LYS C 23 13.62 12.59 32.59
N THR C 24 13.52 11.67 31.54
CA THR C 24 14.68 11.57 30.65
C THR C 24 14.22 11.50 29.19
N CYS C 25 12.90 11.72 28.98
CA CYS C 25 12.23 11.72 27.67
C CYS C 25 11.06 12.66 27.79
N ALA C 26 10.76 13.40 26.74
CA ALA C 26 9.56 14.23 26.76
C ALA C 26 8.65 13.72 25.71
N VAL C 27 7.34 13.77 25.98
CA VAL C 27 6.30 13.23 25.06
C VAL C 27 5.22 14.27 24.87
N ALA C 28 4.85 14.57 23.61
CA ALA C 28 3.73 15.49 23.40
C ALA C 28 2.74 14.89 22.49
N PHE C 29 1.48 14.84 22.91
CA PHE C 29 0.34 14.39 22.11
C PHE C 29 -0.19 15.62 21.40
N THR C 30 -0.13 15.63 20.08
CA THR C 30 -0.60 16.80 19.34
C THR C 30 -1.65 16.36 18.30
N PHE C 31 -2.55 17.29 17.97
CA PHE C 31 -3.68 17.03 17.09
C PHE C 31 -3.76 18.12 16.10
N ASP C 32 -3.76 17.78 14.84
CA ASP C 32 -3.92 18.79 13.80
C ASP C 32 -5.37 18.75 13.34
N VAL C 33 -6.17 19.78 13.71
CA VAL C 33 -7.61 19.83 13.44
C VAL C 33 -7.85 20.38 12.02
N ASP C 34 -7.33 19.66 11.04
CA ASP C 34 -7.34 20.00 9.62
C ASP C 34 -8.75 20.08 9.09
N ALA C 35 -9.58 19.13 9.46
CA ALA C 35 -10.98 19.03 9.00
C ALA C 35 -11.04 19.20 7.47
N GLU C 36 -11.88 20.13 6.94
CA GLU C 36 -12.06 20.32 5.50
C GLU C 36 -10.92 21.06 4.80
N SER C 37 -10.22 21.88 5.56
CA SER C 37 -9.28 22.87 4.99
C SER C 37 -8.24 22.29 4.02
N PRO C 38 -7.53 21.12 4.27
CA PRO C 38 -6.56 20.62 3.26
C PRO C 38 -7.20 20.36 1.89
N LEU C 39 -8.47 19.90 1.88
CA LEU C 39 -9.17 19.64 0.61
C LEU C 39 -9.58 20.92 -0.11
N LEU C 40 -10.17 21.88 0.59
CA LEU C 40 -10.63 23.15 0.03
C LEU C 40 -9.52 23.96 -0.58
N THR C 41 -8.31 23.95 0.07
CA THR C 41 -7.17 24.71 -0.51
C THR C 41 -6.65 23.97 -1.76
N THR C 42 -6.75 22.63 -1.80
CA THR C 42 -6.30 21.87 -2.97
C THR C 42 -7.25 22.14 -4.13
N ASP C 43 -8.55 22.03 -3.92
CA ASP C 43 -9.51 22.32 -4.99
C ASP C 43 -10.79 22.81 -4.34
N PRO C 44 -11.15 24.13 -4.47
CA PRO C 44 -12.41 24.59 -3.85
C PRO C 44 -13.64 23.77 -4.28
N ALA C 45 -13.62 23.09 -5.44
CA ALA C 45 -14.81 22.30 -5.83
C ALA C 45 -15.05 21.10 -4.88
N PHE C 46 -14.12 20.83 -3.91
CA PHE C 46 -14.37 19.78 -2.90
C PHE C 46 -15.55 20.19 -1.99
N ALA C 47 -15.81 21.51 -1.83
CA ALA C 47 -16.92 22.09 -1.04
C ALA C 47 -18.27 21.48 -1.46
N ASP C 48 -18.41 21.08 -2.77
CA ASP C 48 -19.62 20.52 -3.41
C ASP C 48 -19.83 19.04 -3.11
N ARG C 49 -18.80 18.38 -2.53
CA ARG C 49 -18.86 16.98 -2.22
C ARG C 49 -19.32 16.79 -0.80
N GLY C 51 -20.47 14.15 0.71
CA GLY C 51 -19.97 12.91 1.26
C GLY C 51 -18.62 13.12 1.90
N THR C 52 -17.68 13.68 1.10
CA THR C 52 -16.31 14.02 1.50
C THR C 52 -16.30 15.08 2.61
N SER C 54 -18.58 15.64 4.78
CA SER C 54 -19.12 14.95 5.97
C SER C 54 -18.05 14.13 6.67
N HIS C 55 -17.17 13.47 5.89
CA HIS C 55 -16.05 12.70 6.44
C HIS C 55 -15.10 13.65 7.15
N GLN C 56 -14.91 14.85 6.56
CA GLN C 56 -13.99 15.84 7.14
C GLN C 56 -14.56 16.50 8.39
N ALA C 57 -15.85 16.77 8.37
CA ALA C 57 -16.57 17.39 9.50
C ALA C 57 -16.61 16.50 10.76
N TYR C 58 -16.46 15.19 10.62
CA TYR C 58 -16.37 14.21 11.71
C TYR C 58 -15.25 14.60 12.73
N GLY C 59 -14.12 15.13 12.25
CA GLY C 59 -13.01 15.56 13.12
C GLY C 59 -13.46 16.53 14.19
N PRO C 60 -13.86 17.75 13.79
CA PRO C 60 -14.38 18.71 14.80
C PRO C 60 -15.67 18.26 15.50
N LEU C 61 -16.61 17.64 14.76
CA LEU C 61 -17.86 17.26 15.39
C LEU C 61 -17.80 16.06 16.35
N VAL C 62 -17.02 14.97 16.03
CA VAL C 62 -17.01 13.77 16.86
C VAL C 62 -15.64 13.53 17.49
N GLY C 63 -14.60 13.57 16.66
CA GLY C 63 -13.22 13.30 17.03
C GLY C 63 -12.68 14.21 18.10
N VAL C 64 -12.96 15.52 17.96
CA VAL C 64 -12.53 16.52 18.96
C VAL C 64 -13.20 16.21 20.28
N PRO C 65 -14.55 16.14 20.50
CA PRO C 65 -15.03 15.76 21.87
C PRO C 65 -14.50 14.39 22.39
N ARG C 66 -14.39 13.36 21.54
CA ARG C 66 -13.87 12.01 21.92
C ARG C 66 -12.41 12.11 22.42
N LEU C 67 -11.53 12.75 21.65
CA LEU C 67 -10.15 12.97 22.05
C LEU C 67 -10.04 13.82 23.32
N LEU C 68 -10.92 14.82 23.53
CA LEU C 68 -10.85 15.63 24.77
C LEU C 68 -11.24 14.81 25.95
N GLY C 69 -12.17 13.87 25.78
CA GLY C 69 -12.60 13.00 26.90
C GLY C 69 -11.47 12.04 27.30
N ILE C 70 -10.72 11.60 26.32
CA ILE C 70 -9.55 10.68 26.49
C ILE C 70 -8.43 11.43 27.19
N LEU C 71 -8.12 12.67 26.75
CA LEU C 71 -7.07 13.48 27.42
C LEU C 71 -7.44 13.78 28.84
N ASP C 72 -8.73 14.06 29.06
CA ASP C 72 -9.20 14.40 30.38
C ASP C 72 -9.19 13.16 31.35
N GLU C 73 -9.46 11.96 30.81
CA GLU C 73 -9.46 10.74 31.63
C GLU C 73 -8.10 10.54 32.33
N PHE C 74 -7.00 10.85 31.60
CA PHE C 74 -5.65 10.61 32.07
C PHE C 74 -4.93 11.88 32.48
N ASN C 75 -5.61 13.03 32.46
CA ASN C 75 -5.09 14.36 32.87
C ASN C 75 -3.78 14.67 32.08
N VAL C 76 -3.90 14.53 30.74
CA VAL C 76 -2.84 14.66 29.73
C VAL C 76 -3.02 16.00 29.01
N PRO C 77 -1.98 16.86 28.95
CA PRO C 77 -2.12 18.09 28.14
C PRO C 77 -2.05 17.74 26.67
N GLY C 78 -2.87 18.36 25.85
CA GLY C 78 -2.84 18.13 24.40
C GLY C 78 -2.54 19.43 23.68
N THR C 79 -2.00 19.39 22.43
CA THR C 79 -1.72 20.63 21.65
C THR C 79 -2.42 20.46 20.36
N PHE C 80 -3.31 21.42 20.06
CA PHE C 80 -4.16 21.35 18.90
C PHE C 80 -3.75 22.42 17.90
N PHE C 81 -3.26 22.02 16.75
CA PHE C 81 -2.81 22.96 15.73
C PHE C 81 -4.06 23.19 14.92
N VAL C 82 -4.63 24.43 14.98
CA VAL C 82 -5.93 24.65 14.35
C VAL C 82 -5.85 25.66 13.17
N PRO C 83 -6.12 25.21 11.91
CA PRO C 83 -6.18 26.18 10.80
C PRO C 83 -7.30 27.20 11.09
N GLY C 84 -7.06 28.48 10.83
CA GLY C 84 -8.04 29.54 11.12
C GLY C 84 -9.39 29.27 10.47
N TYR C 85 -9.38 28.60 9.30
CA TYR C 85 -10.66 28.30 8.65
C TYR C 85 -11.45 27.22 9.42
N THR C 86 -10.73 26.22 10.06
CA THR C 86 -11.44 25.25 10.91
C THR C 86 -12.18 25.97 12.00
N ALA C 87 -11.46 26.89 12.70
CA ALA C 87 -12.02 27.72 13.76
C ALA C 87 -13.24 28.50 13.27
N HIS C 88 -13.18 29.10 12.04
CA HIS C 88 -14.38 29.86 11.54
C HIS C 88 -15.52 28.93 11.17
N ARG C 89 -15.21 27.74 10.66
CA ARG C 89 -16.32 26.85 10.27
C ARG C 89 -16.85 26.03 11.48
N HIS C 90 -16.01 25.73 12.49
CA HIS C 90 -16.39 24.91 13.66
C HIS C 90 -16.01 25.63 14.94
N PRO C 91 -16.66 26.79 15.30
CA PRO C 91 -16.20 27.52 16.49
C PRO C 91 -16.52 26.84 17.81
N GLU C 92 -17.64 26.16 17.93
CA GLU C 92 -18.02 25.47 19.18
C GLU C 92 -16.97 24.35 19.44
N PRO C 93 -16.60 23.44 18.47
CA PRO C 93 -15.54 22.47 18.73
C PRO C 93 -14.17 23.07 19.14
N ILE C 94 -13.76 24.16 18.48
CA ILE C 94 -12.50 24.86 18.76
C ILE C 94 -12.54 25.53 20.10
N ARG C 95 -13.62 26.22 20.44
CA ARG C 95 -13.75 26.86 21.76
C ARG C 95 -13.72 25.79 22.88
N SER C 96 -14.32 24.61 22.63
CA SER C 96 -14.36 23.51 23.62
C SER C 96 -12.93 23.04 23.98
N ILE C 97 -12.01 23.06 22.99
CA ILE C 97 -10.58 22.76 23.18
C ILE C 97 -9.98 23.78 24.16
N ALA C 98 -10.19 25.12 23.90
CA ALA C 98 -9.67 26.20 24.72
C ALA C 98 -10.27 26.20 26.09
N ARG C 99 -11.56 25.88 26.16
CA ARG C 99 -12.32 25.82 27.39
C ARG C 99 -11.84 24.63 28.24
N ALA C 100 -11.43 23.54 27.60
CA ALA C 100 -10.88 22.38 28.30
C ALA C 100 -9.43 22.65 28.84
N GLY C 101 -8.84 23.79 28.49
CA GLY C 101 -7.53 24.18 28.97
C GLY C 101 -6.38 23.63 28.16
N HIS C 102 -6.63 23.26 26.91
CA HIS C 102 -5.57 22.75 26.04
C HIS C 102 -5.05 23.85 25.15
N GLU C 103 -3.75 23.81 24.90
CA GLU C 103 -3.14 24.83 24.05
C GLU C 103 -3.62 24.70 22.60
N ILE C 104 -3.83 25.85 21.91
CA ILE C 104 -4.16 25.96 20.48
C ILE C 104 -2.97 26.68 19.82
N ALA C 105 -2.51 26.13 18.71
CA ALA C 105 -1.38 26.64 17.97
C ALA C 105 -1.80 26.87 16.53
N HIS C 106 -0.98 27.65 15.79
CA HIS C 106 -1.24 28.07 14.42
C HIS C 106 -1.00 26.95 13.41
N HIS C 107 -1.87 26.87 12.38
CA HIS C 107 -1.74 25.89 11.32
C HIS C 107 -2.26 26.53 10.02
N GLY C 108 -1.83 27.75 9.71
CA GLY C 108 -2.31 28.45 8.52
C GLY C 108 -3.77 28.90 8.66
N TYR C 109 -4.34 29.38 7.55
CA TYR C 109 -5.76 29.79 7.54
C TYR C 109 -6.52 28.67 6.83
N LEU C 110 -6.40 28.55 5.50
CA LEU C 110 -7.04 27.43 4.80
C LEU C 110 -6.00 26.32 4.58
N HIS C 111 -5.18 26.05 5.62
CA HIS C 111 -4.17 24.98 5.56
C HIS C 111 -3.37 25.05 4.19
N GLU C 112 -3.03 26.27 3.74
CA GLU C 112 -2.40 26.54 2.44
C GLU C 112 -1.01 25.93 2.37
N SER C 113 -0.72 25.35 1.19
CA SER C 113 0.62 24.88 0.87
C SER C 113 1.54 26.13 0.79
N LEU C 114 2.72 26.09 1.42
CA LEU C 114 3.72 27.19 1.40
C LEU C 114 4.66 27.09 0.19
N VAL C 115 4.49 26.02 -0.60
CA VAL C 115 5.35 25.77 -1.75
C VAL C 115 5.03 26.85 -2.79
N GLY C 116 6.04 27.62 -3.16
CA GLY C 116 5.84 28.71 -4.13
C GLY C 116 5.34 30.01 -3.50
N ALA C 117 5.08 29.99 -2.18
CA ALA C 117 4.58 31.21 -1.48
C ALA C 117 5.70 32.22 -1.29
N ASP C 118 5.41 33.51 -1.54
CA ASP C 118 6.39 34.56 -1.25
C ASP C 118 6.18 35.01 0.18
N GLU C 119 7.06 35.87 0.67
CA GLU C 119 7.00 36.33 2.06
C GLU C 119 5.68 37.05 2.33
N ASP C 120 5.25 37.89 1.39
CA ASP C 120 4.03 38.67 1.57
C ASP C 120 2.82 37.77 1.68
N THR C 121 2.77 36.66 0.87
CA THR C 121 1.65 35.69 0.91
C THR C 121 1.62 34.99 2.26
N GLU C 122 2.78 34.60 2.76
CA GLU C 122 2.90 33.94 4.06
C GLU C 122 2.51 34.82 5.25
N ARG C 123 2.92 36.06 5.23
CA ARG C 123 2.65 37.04 6.26
C ARG C 123 1.14 37.30 6.40
N LYS C 124 0.44 37.40 5.25
CA LYS C 124 -1.02 37.57 5.19
C LYS C 124 -1.74 36.36 5.78
N ILE C 125 -1.26 35.12 5.49
CA ILE C 125 -1.82 33.93 6.05
C ILE C 125 -1.55 33.88 7.56
N LEU C 126 -0.33 34.25 8.04
CA LEU C 126 -0.06 34.22 9.49
C LEU C 126 -1.03 35.17 10.20
N THR C 127 -1.19 36.42 9.70
CA THR C 127 -2.15 37.38 10.29
C THR C 127 -3.58 36.79 10.29
N ARG C 128 -4.01 36.28 9.13
CA ARG C 128 -5.37 35.77 8.94
C ARG C 128 -5.70 34.62 9.89
N GLY C 129 -4.71 33.77 10.18
CA GLY C 129 -4.89 32.68 11.11
C GLY C 129 -4.92 33.13 12.54
N ILE C 130 -4.01 34.06 12.93
CA ILE C 130 -4.00 34.63 14.29
C ILE C 130 -5.32 35.34 14.61
N GLU C 131 -5.85 36.13 13.65
CA GLU C 131 -7.12 36.85 13.78
C GLU C 131 -8.29 35.94 13.92
N ALA C 132 -8.39 34.87 13.11
CA ALA C 132 -9.45 33.85 13.24
C ALA C 132 -9.37 33.17 14.62
N LEU C 133 -8.17 32.73 15.07
CA LEU C 133 -8.08 32.05 16.39
C LEU C 133 -8.44 33.01 17.53
N GLU C 134 -8.05 34.30 17.39
CA GLU C 134 -8.40 35.37 18.33
C GLU C 134 -9.91 35.60 18.37
N GLU C 135 -10.54 35.80 17.21
CA GLU C 135 -11.99 35.99 17.09
C GLU C 135 -12.80 34.87 17.69
N VAL C 136 -12.45 33.66 17.31
CA VAL C 136 -13.21 32.45 17.62
C VAL C 136 -12.99 31.97 19.05
N ALA C 137 -11.75 31.93 19.49
CA ALA C 137 -11.50 31.36 20.80
C ALA C 137 -10.73 32.26 21.73
N GLY C 138 -10.44 33.49 21.33
CA GLY C 138 -9.67 34.39 22.18
C GLY C 138 -8.26 33.89 22.47
N VAL C 139 -7.68 33.11 21.54
CA VAL C 139 -6.36 32.59 21.78
C VAL C 139 -5.35 33.32 20.90
N HIS C 140 -4.14 33.58 21.42
CA HIS C 140 -3.03 34.11 20.62
C HIS C 140 -1.97 33.05 20.60
N PRO C 141 -1.85 32.30 19.51
CA PRO C 141 -0.92 31.18 19.48
C PRO C 141 0.53 31.63 19.59
N VAL C 142 1.31 30.87 20.37
CA VAL C 142 2.78 31.01 20.56
C VAL C 142 3.47 29.89 19.73
N GLY C 143 2.68 28.96 19.19
CA GLY C 143 3.24 27.89 18.40
C GLY C 143 2.73 27.81 16.98
N TYR C 144 3.56 27.23 16.09
CA TYR C 144 3.27 27.05 14.68
C TYR C 144 3.71 25.68 14.15
N ARG C 145 2.96 25.14 13.18
CA ARG C 145 3.27 23.97 12.38
C ARG C 145 2.81 24.31 10.96
N ALA C 146 3.68 24.22 9.99
CA ALA C 146 3.33 24.52 8.59
C ALA C 146 2.39 23.49 8.02
N PRO C 147 1.27 23.88 7.39
CA PRO C 147 0.43 22.85 6.75
C PRO C 147 1.24 22.02 5.78
N TRP C 149 3.54 19.99 6.56
CA TRP C 149 4.88 19.91 7.10
C TRP C 149 5.92 20.40 6.09
N GLU C 150 5.59 21.48 5.33
CA GLU C 150 6.51 22.03 4.36
C GLU C 150 6.59 23.54 4.53
N ASN C 152 9.35 27.28 3.82
CA ASN C 152 10.41 27.87 3.01
C ASN C 152 11.59 28.32 3.88
N TRP C 153 12.75 28.57 3.25
CA TRP C 153 13.94 29.02 3.97
C TRP C 153 13.66 30.41 4.60
N HIS C 154 12.69 31.18 4.03
CA HIS C 154 12.31 32.48 4.59
C HIS C 154 11.22 32.37 5.61
N THR C 155 10.67 31.15 5.89
CA THR C 155 9.53 31.04 6.82
C THR C 155 9.97 31.30 8.26
N PRO C 156 11.06 30.74 8.82
CA PRO C 156 11.34 31.02 10.25
C PRO C 156 11.52 32.48 10.59
N LYS C 157 12.06 33.34 9.68
CA LYS C 157 12.17 34.75 9.99
C LYS C 157 10.79 35.38 10.14
N LEU C 158 9.78 34.92 9.40
CA LEU C 158 8.41 35.47 9.55
C LEU C 158 7.84 35.03 10.86
N LEU C 159 8.11 33.78 11.26
CA LEU C 159 7.65 33.25 12.54
C LEU C 159 8.28 34.03 13.71
N ALA C 160 9.56 34.43 13.57
CA ALA C 160 10.28 35.28 14.56
C ALA C 160 9.64 36.67 14.62
N GLU C 161 9.40 37.29 13.43
CA GLU C 161 8.79 38.62 13.28
C GLU C 161 7.41 38.61 13.99
N PHE C 162 6.66 37.51 13.90
CA PHE C 162 5.34 37.42 14.52
C PHE C 162 5.42 37.02 16.02
N GLY C 163 6.63 36.89 16.57
CA GLY C 163 6.81 36.60 17.99
C GLY C 163 6.49 35.19 18.49
N PHE C 164 6.39 34.20 17.57
CA PHE C 164 6.16 32.78 17.91
C PHE C 164 7.25 32.20 18.84
N LEU C 165 6.86 31.39 19.85
CA LEU C 165 7.81 30.74 20.76
C LEU C 165 8.49 29.57 20.04
N TYR C 166 7.69 28.74 19.34
CA TYR C 166 8.22 27.58 18.69
C TYR C 166 7.53 27.26 17.38
N ASP C 167 8.21 26.39 16.62
CA ASP C 167 7.79 25.75 15.35
C ASP C 167 7.87 24.27 15.56
N SER C 168 6.96 23.51 14.95
CA SER C 168 7.00 22.04 15.05
C SER C 168 6.81 21.49 13.64
N THR C 169 7.79 21.72 12.74
CA THR C 169 7.65 21.35 11.32
C THR C 169 8.83 20.57 10.83
N LEU C 170 10.03 20.82 11.41
CA LEU C 170 11.26 20.23 10.89
C LEU C 170 11.55 18.82 11.40
N ASP C 172 15.00 17.22 11.18
CA ASP C 172 16.45 16.95 11.15
C ASP C 172 17.02 16.61 12.51
N SER C 173 16.18 16.24 13.46
CA SER C 173 16.67 15.98 14.80
C SER C 173 15.67 15.18 15.63
N ASP C 174 16.18 14.44 16.65
CA ASP C 174 15.32 13.75 17.62
C ASP C 174 15.12 14.66 18.81
N HIS C 175 16.00 15.66 18.93
CA HIS C 175 16.03 16.56 20.07
C HIS C 175 15.52 17.92 19.74
N PRO C 176 14.85 18.62 20.69
CA PRO C 176 14.49 20.02 20.45
C PRO C 176 15.76 20.87 20.33
N TYR C 177 15.67 22.02 19.68
CA TYR C 177 16.83 22.89 19.52
C TYR C 177 16.37 24.32 19.26
N GLU C 178 17.33 25.25 19.22
CA GLU C 178 17.12 26.66 18.90
C GLU C 178 17.40 26.86 17.45
N LEU C 179 16.36 27.11 16.69
CA LEU C 179 16.52 27.31 15.26
C LEU C 179 17.04 28.76 15.03
N ALA C 180 18.30 28.92 14.52
CA ALA C 180 18.85 30.29 14.33
C ALA C 180 18.04 31.05 13.31
N VAL C 181 17.62 32.23 13.74
CA VAL C 181 16.80 33.10 12.93
C VAL C 181 17.33 34.48 13.11
N GLY C 182 17.91 35.04 12.04
CA GLY C 182 18.46 36.38 12.04
C GLY C 182 19.40 36.47 13.21
N ASP C 183 19.23 37.49 14.06
CA ASP C 183 20.12 37.65 15.22
C ASP C 183 19.55 36.95 16.49
N GLY C 184 18.55 36.12 16.31
CA GLY C 184 17.94 35.38 17.41
C GLY C 184 17.71 33.92 17.07
N SER C 185 16.60 33.39 17.61
CA SER C 185 16.22 32.00 17.38
C SER C 185 14.78 31.76 17.70
N LEU C 186 14.35 30.57 17.36
CA LEU C 186 13.00 30.10 17.55
C LEU C 186 13.14 28.67 18.00
N VAL C 187 12.45 28.23 19.06
CA VAL C 187 12.56 26.82 19.46
C VAL C 187 12.01 25.91 18.34
N GLU C 188 12.74 24.83 18.02
CA GLU C 188 12.22 23.82 17.10
C GLU C 188 11.91 22.60 17.91
N LEU C 189 10.67 22.04 17.75
CA LEU C 189 10.14 20.80 18.37
C LEU C 189 9.87 19.85 17.18
N PRO C 190 10.91 19.07 16.82
CA PRO C 190 10.85 18.31 15.60
C PRO C 190 9.87 17.15 15.61
N VAL C 191 9.43 16.83 14.39
CA VAL C 191 8.39 15.84 14.06
C VAL C 191 8.99 14.74 13.15
N SER C 192 8.18 13.75 12.76
CA SER C 192 8.56 12.69 11.83
C SER C 192 7.31 12.17 11.10
N TRP C 193 7.43 11.71 9.84
CA TRP C 193 6.29 11.14 9.11
C TRP C 193 5.78 9.84 9.77
N ALA C 194 6.69 9.09 10.43
CA ALA C 194 6.33 7.86 11.13
C ALA C 194 5.36 8.11 12.30
N LEU C 195 5.47 9.31 12.94
CA LEU C 195 4.65 9.73 14.09
C LEU C 195 3.48 10.62 13.67
N ASP C 196 2.73 10.12 12.69
CA ASP C 196 1.60 10.79 12.10
C ASP C 196 0.62 9.71 11.66
N ASP C 197 -0.68 9.90 11.99
CA ASP C 197 -1.74 8.95 11.67
C ASP C 197 -2.21 9.09 10.23
N TRP C 198 -1.83 10.17 9.52
CA TRP C 198 -2.25 10.39 8.14
C TRP C 198 -1.80 9.22 7.28
N GLN C 199 -0.54 8.75 7.43
CA GLN C 199 -0.04 7.63 6.63
C GLN C 199 -0.63 6.24 7.06
N GLN C 200 -1.23 6.18 8.26
CA GLN C 200 -1.79 4.96 8.83
C GLN C 200 -3.26 4.79 8.46
N TYR C 201 -4.05 5.86 8.52
CA TYR C 201 -5.49 5.76 8.31
C TYR C 201 -6.12 6.55 7.19
N CYS C 202 -5.37 7.51 6.59
CA CYS C 202 -6.06 8.37 5.67
C CYS C 202 -6.43 7.74 4.33
N PHE C 203 -7.74 7.81 4.02
CA PHE C 203 -8.30 7.46 2.72
C PHE C 203 -9.40 8.45 2.42
N VAL C 204 -9.15 9.30 1.41
CA VAL C 204 -10.08 10.30 0.89
C VAL C 204 -10.00 10.18 -0.64
N PRO C 205 -11.05 9.65 -1.29
CA PRO C 205 -11.02 9.56 -2.77
C PRO C 205 -10.76 10.93 -3.45
N ASP C 206 -9.98 10.87 -4.54
CA ASP C 206 -9.55 11.98 -5.41
C ASP C 206 -8.67 13.02 -4.65
N PHE C 207 -8.27 12.69 -3.39
CA PHE C 207 -7.48 13.60 -2.56
C PHE C 207 -6.23 12.95 -1.90
N SER C 208 -6.41 11.88 -1.10
CA SER C 208 -5.29 11.30 -0.36
C SER C 208 -5.55 9.87 0.02
N GLY C 209 -4.50 9.06 -0.03
CA GLY C 209 -4.57 7.64 0.32
C GLY C 209 -4.81 6.79 -0.89
N THR C 210 -4.09 5.66 -0.96
CA THR C 210 -4.14 4.68 -2.05
C THR C 210 -5.23 3.63 -1.85
N GLY C 211 -5.86 3.65 -0.67
CA GLY C 211 -6.88 2.68 -0.28
C GLY C 211 -6.43 1.89 0.92
N LEU C 212 -5.11 1.93 1.25
CA LEU C 212 -4.55 1.27 2.44
C LEU C 212 -5.06 1.96 3.72
N ILE C 213 -5.70 1.16 4.59
CA ILE C 213 -6.26 1.57 5.88
C ILE C 213 -5.74 0.57 6.91
N GLU C 214 -4.75 0.96 7.73
CA GLU C 214 -4.13 0.04 8.70
C GLU C 214 -5.08 -0.29 9.89
N THR C 215 -4.74 -1.36 10.66
CA THR C 215 -5.51 -1.68 11.87
C THR C 215 -5.01 -0.73 13.00
N PRO C 216 -5.87 -0.34 13.95
CA PRO C 216 -5.39 0.53 15.04
C PRO C 216 -4.19 -0.10 15.77
N ALA C 217 -4.17 -1.46 15.98
CA ALA C 217 -3.03 -2.13 16.61
C ALA C 217 -1.72 -1.87 15.85
N LYS C 218 -1.74 -1.92 14.50
CA LYS C 218 -0.54 -1.73 13.66
C LYS C 218 0.04 -0.33 13.88
N ALA C 219 -0.83 0.69 13.89
CA ALA C 219 -0.46 2.10 14.10
C ALA C 219 0.19 2.26 15.50
N ILE C 220 -0.46 1.73 16.55
CA ILE C 220 0.10 1.83 17.93
C ILE C 220 1.45 1.12 18.02
N GLU C 221 1.54 -0.05 17.41
CA GLU C 221 2.76 -0.83 17.34
C GLU C 221 3.90 0.05 16.80
N LEU C 222 3.65 0.72 15.68
CA LEU C 222 4.59 1.58 15.00
C LEU C 222 5.06 2.75 15.87
N TRP C 223 4.13 3.33 16.66
CA TRP C 223 4.41 4.47 17.54
C TRP C 223 5.11 3.98 18.80
N ARG C 224 4.63 2.90 19.39
CA ARG C 224 5.25 2.32 20.58
C ARG C 224 6.75 1.94 20.30
N ALA C 225 7.07 1.30 19.14
CA ALA C 225 8.47 0.99 18.77
C ALA C 225 9.31 2.29 18.66
N GLU C 226 8.71 3.35 18.16
CA GLU C 226 9.42 4.64 18.05
C GLU C 226 9.61 5.27 19.43
N LEU C 227 8.57 5.22 20.30
CA LEU C 227 8.64 5.78 21.65
C LEU C 227 9.69 5.05 22.53
N ASN C 228 9.71 3.69 22.50
CA ASN C 228 10.65 2.94 23.32
C ASN C 228 12.09 3.28 22.95
N ALA C 229 12.32 3.48 21.65
CA ALA C 229 13.64 3.88 21.13
C ALA C 229 13.98 5.30 21.56
N ARG C 231 12.96 6.77 24.19
CA ARG C 231 13.24 6.83 25.64
C ARG C 231 14.71 6.56 25.92
N ASP C 232 15.36 5.80 25.03
CA ASP C 232 16.79 5.49 25.16
C ASP C 232 17.62 6.67 24.66
N ILE C 233 17.08 7.46 23.70
CA ILE C 233 17.73 8.64 23.11
C ILE C 233 17.52 9.91 23.99
N GLY C 234 16.36 10.00 24.65
CA GLY C 234 16.02 11.10 25.54
C GLY C 234 15.62 12.35 24.78
N GLY C 235 15.00 12.16 23.63
CA GLY C 235 14.56 13.30 22.84
C GLY C 235 13.17 13.72 23.21
N ALA C 236 12.53 14.44 22.29
CA ALA C 236 11.13 14.91 22.43
C ALA C 236 10.32 14.13 21.46
N TRP C 237 9.48 13.23 21.99
CA TRP C 237 8.67 12.37 21.10
C TRP C 237 7.35 13.09 20.78
N VAL C 238 7.21 13.58 19.57
CA VAL C 238 6.01 14.37 19.22
C VAL C 238 5.06 13.55 18.33
N LEU C 239 3.90 13.18 18.90
CA LEU C 239 2.92 12.45 18.06
C LEU C 239 1.93 13.43 17.43
N THR C 240 1.59 13.21 16.17
CA THR C 240 0.62 14.03 15.41
C THR C 240 -0.55 13.13 14.96
N ASN C 241 -1.74 13.50 15.37
CA ASN C 241 -2.94 12.78 14.97
C ASN C 241 -3.96 13.80 14.44
N HIS C 242 -4.89 13.40 13.63
CA HIS C 242 -5.93 14.26 13.09
C HIS C 242 -7.25 13.77 13.65
N PRO C 243 -8.09 14.63 14.27
CA PRO C 243 -9.38 14.13 14.83
C PRO C 243 -10.32 13.43 13.83
N PHE C 244 -10.30 13.82 12.51
CA PHE C 244 -11.20 13.18 11.55
C PHE C 244 -10.77 11.75 11.26
N LEU C 245 -9.53 11.39 11.67
CA LEU C 245 -8.97 10.04 11.50
C LEU C 245 -8.96 9.27 12.81
N SER C 246 -8.12 9.72 13.77
CA SER C 246 -7.91 9.04 15.05
C SER C 246 -9.09 9.16 16.02
N GLY C 247 -10.07 10.03 15.70
CA GLY C 247 -11.28 10.19 16.50
C GLY C 247 -12.31 9.11 16.25
N ARG C 248 -12.11 8.28 15.18
CA ARG C 248 -13.02 7.20 14.83
C ARG C 248 -12.99 6.19 15.95
N PRO C 249 -14.07 5.41 16.16
CA PRO C 249 -14.14 4.55 17.36
C PRO C 249 -12.94 3.65 17.65
N GLY C 250 -12.58 2.76 16.74
CA GLY C 250 -11.47 1.82 16.98
C GLY C 250 -10.10 2.47 17.16
N ARG C 251 -9.81 3.50 16.37
CA ARG C 251 -8.54 4.22 16.49
C ARG C 251 -8.48 5.00 17.82
N ALA C 252 -9.59 5.67 18.22
CA ALA C 252 -9.58 6.42 19.48
C ALA C 252 -9.39 5.51 20.67
N ALA C 253 -10.03 4.31 20.64
CA ALA C 253 -9.97 3.28 21.69
C ALA C 253 -8.53 2.76 21.82
N ALA C 254 -7.83 2.50 20.66
CA ALA C 254 -6.41 2.08 20.73
C ALA C 254 -5.50 3.26 21.19
N LEU C 255 -5.79 4.54 20.84
CA LEU C 255 -4.96 5.66 21.32
C LEU C 255 -5.10 5.85 22.87
N ARG C 256 -6.29 5.67 23.40
CA ARG C 256 -6.62 5.73 24.83
C ARG C 256 -5.79 4.68 25.62
N GLU C 257 -5.75 3.40 25.12
CA GLU C 257 -4.94 2.34 25.71
C GLU C 257 -3.44 2.73 25.70
N PHE C 258 -2.97 3.30 24.58
CA PHE C 258 -1.57 3.70 24.44
C PHE C 258 -1.21 4.87 25.39
N ILE C 259 -2.12 5.85 25.53
CA ILE C 259 -1.99 7.03 26.38
C ILE C 259 -1.91 6.53 27.84
N ALA C 260 -2.79 5.55 28.21
CA ALA C 260 -2.74 4.92 29.56
C ALA C 260 -1.33 4.30 29.79
N GLU C 261 -0.79 3.61 28.77
CA GLU C 261 0.52 2.96 28.81
C GLU C 261 1.66 4.04 29.03
N VAL C 262 1.65 5.11 28.24
CA VAL C 262 2.63 6.19 28.34
C VAL C 262 2.57 6.89 29.73
N CYS C 263 1.37 7.24 30.23
CA CYS C 263 1.20 7.92 31.55
C CYS C 263 1.77 7.06 32.68
N ALA C 264 1.91 5.73 32.43
CA ALA C 264 2.46 4.74 33.37
C ALA C 264 4.00 4.65 33.30
N ASP C 266 7.35 6.06 34.16
CA ASP C 266 7.95 6.99 35.11
C ASP C 266 9.10 7.85 34.54
N ASP C 267 9.72 7.45 33.43
CA ASP C 267 10.87 8.19 32.89
C ASP C 267 10.46 9.32 31.93
N VAL C 268 9.16 9.38 31.58
CA VAL C 268 8.60 10.24 30.55
C VAL C 268 7.86 11.48 31.10
N TRP C 269 8.15 12.66 30.50
CA TRP C 269 7.48 13.93 30.75
C TRP C 269 6.44 14.15 29.66
N VAL C 270 5.16 13.86 29.99
CA VAL C 270 4.02 14.05 29.09
C VAL C 270 3.63 15.53 29.22
N ALA C 271 3.73 16.32 28.13
CA ALA C 271 3.55 17.75 28.30
C ALA C 271 2.98 18.44 27.09
N GLY C 272 2.64 19.71 27.32
CA GLY C 272 2.13 20.53 26.25
C GLY C 272 3.32 21.04 25.46
N SER C 274 4.00 24.20 24.19
CA SER C 274 4.54 25.45 24.70
C SER C 274 5.34 25.22 26.00
N GLN C 275 4.96 24.21 26.83
CA GLN C 275 5.67 23.90 28.11
C GLN C 275 7.01 23.25 27.78
N ILE C 276 7.01 22.45 26.71
CA ILE C 276 8.23 21.80 26.26
C ILE C 276 9.14 22.90 25.75
N ALA C 277 8.61 23.78 24.85
CA ALA C 277 9.36 24.85 24.25
C ALA C 277 9.93 25.85 25.29
N GLU C 278 9.20 26.18 26.37
N GLU C 278 9.18 26.15 26.36
CA GLU C 278 9.72 27.12 27.38
CA GLU C 278 9.59 27.04 27.45
C GLU C 278 10.82 26.48 28.22
C GLU C 278 10.78 26.48 28.22
N HIS C 279 10.73 25.15 28.46
CA HIS C 279 11.76 24.38 29.20
C HIS C 279 13.03 24.38 28.35
N VAL C 280 12.88 24.19 27.03
CA VAL C 280 14.03 24.20 26.12
C VAL C 280 14.67 25.62 26.09
N ARG C 281 13.83 26.63 25.99
CA ARG C 281 14.21 28.04 25.86
C ARG C 281 15.03 28.51 27.05
N ALA C 282 14.68 27.99 28.24
CA ALA C 282 15.35 28.34 29.49
C ALA C 282 16.72 27.64 29.58
N GLN C 283 17.07 26.79 28.61
CA GLN C 283 18.38 26.11 28.61
C GLN C 283 19.40 26.92 27.86
N LYS C 284 18.94 27.97 27.16
CA LYS C 284 19.80 28.91 26.42
C LYS C 284 20.84 28.11 25.55
N LEU C 285 20.32 27.30 24.66
CA LEU C 285 21.12 26.49 23.76
C LEU C 285 21.66 27.36 22.64
N THR C 286 22.80 26.95 22.04
CA THR C 286 23.39 27.67 20.92
C THR C 286 22.50 27.42 19.71
N PRO C 287 21.99 28.48 19.04
CA PRO C 287 21.11 28.24 17.87
C PRO C 287 21.86 27.51 16.76
N ARG C 288 21.13 26.81 15.92
CA ARG C 288 21.67 26.11 14.78
C ARG C 288 20.61 26.22 13.72
N THR C 289 21.01 26.05 12.48
CA THR C 289 20.06 25.92 11.38
C THR C 289 20.72 25.22 10.19
N LEU C 290 19.89 24.53 9.43
CA LEU C 290 20.31 24.03 8.13
C LEU C 290 20.36 25.25 7.19
N THR C 291 21.08 25.15 6.11
CA THR C 291 21.03 26.19 5.08
C THR C 291 20.54 25.53 3.82
N ARG C 292 20.05 26.33 2.88
CA ARG C 292 19.57 25.91 1.58
C ARG C 292 20.69 25.18 0.76
N PRO C 293 20.43 23.96 0.20
CA PRO C 293 21.43 23.29 -0.62
C PRO C 293 21.83 24.12 -1.85
N GLU C 294 23.12 24.26 -2.08
CA GLU C 294 23.61 25.01 -3.23
C GLU C 294 23.90 24.07 -4.38
N LEU C 295 23.49 24.47 -5.59
CA LEU C 295 23.69 23.68 -6.79
C LEU C 295 24.40 24.52 -7.88
N THR C 296 25.60 24.04 -8.33
CA THR C 296 26.48 24.64 -9.35
C THR C 296 25.76 24.87 -10.69
N GLU D 10 -25.21 27.36 13.77
CA GLU D 10 -24.95 26.45 14.88
C GLU D 10 -25.33 25.02 14.52
N LEU D 11 -24.31 24.20 14.24
CA LEU D 11 -24.50 22.77 13.98
C LEU D 11 -24.15 21.99 15.24
N THR D 12 -25.05 21.08 15.60
CA THR D 12 -24.87 20.25 16.76
C THR D 12 -24.43 18.85 16.29
N PRO D 13 -23.52 18.13 17.00
CA PRO D 13 -23.25 16.74 16.58
C PRO D 13 -24.45 15.85 16.90
N ALA D 14 -24.60 14.74 16.20
CA ALA D 14 -25.68 13.78 16.44
C ALA D 14 -25.54 13.15 17.81
N ALA D 15 -26.66 13.01 18.50
CA ALA D 15 -26.74 12.44 19.84
C ALA D 15 -26.94 10.94 19.72
N PRO D 16 -26.63 10.14 20.76
CA PRO D 16 -26.92 8.69 20.67
C PRO D 16 -28.42 8.43 20.62
N VAL D 17 -28.88 7.38 19.88
CA VAL D 17 -30.32 7.01 19.90
C VAL D 17 -30.52 5.81 20.84
N SER D 18 -31.74 5.59 21.31
CA SER D 18 -31.98 4.46 22.17
C SER D 18 -32.30 3.25 21.28
N TRP D 19 -31.77 2.07 21.64
CA TRP D 19 -31.99 0.85 20.88
C TRP D 19 -33.07 -0.04 21.57
N PRO D 20 -33.71 -1.00 20.84
CA PRO D 20 -34.79 -1.80 21.48
C PRO D 20 -34.26 -3.01 22.26
N ASP D 21 -35.17 -3.74 22.95
CA ASP D 21 -34.93 -5.00 23.68
C ASP D 21 -33.69 -4.94 24.61
N GLY D 22 -33.42 -3.75 25.17
CA GLY D 22 -32.27 -3.49 26.02
C GLY D 22 -30.92 -3.60 25.32
N LYS D 23 -30.91 -3.53 23.98
CA LYS D 23 -29.63 -3.60 23.23
C LYS D 23 -28.92 -2.25 23.35
N THR D 24 -27.59 -2.19 23.19
CA THR D 24 -26.94 -0.90 23.39
C THR D 24 -26.10 -0.51 22.15
N CYS D 25 -26.30 -1.23 21.05
CA CYS D 25 -25.61 -1.04 19.76
C CYS D 25 -26.45 -1.71 18.70
N ALA D 26 -26.49 -1.13 17.52
CA ALA D 26 -27.12 -1.72 16.35
C ALA D 26 -26.01 -2.07 15.33
N VAL D 27 -26.18 -3.20 14.64
CA VAL D 27 -25.28 -3.69 13.63
C VAL D 27 -26.05 -4.02 12.32
N ALA D 28 -25.55 -3.53 11.18
CA ALA D 28 -26.16 -3.83 9.91
C ALA D 28 -25.12 -4.39 8.96
N PHE D 29 -25.44 -5.55 8.39
CA PHE D 29 -24.65 -6.18 7.36
C PHE D 29 -25.22 -5.73 6.04
N THR D 30 -24.43 -4.97 5.29
CA THR D 30 -24.92 -4.43 4.01
C THR D 30 -23.96 -4.84 2.88
N PHE D 31 -24.49 -4.91 1.68
CA PHE D 31 -23.78 -5.37 0.51
C PHE D 31 -24.15 -4.50 -0.65
N ASP D 32 -23.17 -4.00 -1.38
CA ASP D 32 -23.42 -3.19 -2.57
C ASP D 32 -23.11 -4.12 -3.79
N VAL D 33 -24.16 -4.49 -4.50
CA VAL D 33 -24.05 -5.43 -5.62
C VAL D 33 -23.67 -4.64 -6.87
N ASP D 34 -22.49 -4.08 -6.79
CA ASP D 34 -21.98 -3.17 -7.81
C ASP D 34 -21.78 -3.90 -9.12
N ALA D 35 -21.18 -5.13 -9.06
CA ALA D 35 -20.93 -5.94 -10.25
C ALA D 35 -20.16 -5.09 -11.29
N GLU D 36 -20.62 -5.07 -12.56
CA GLU D 36 -20.02 -4.35 -13.68
C GLU D 36 -20.20 -2.82 -13.68
N SER D 37 -21.33 -2.34 -13.14
CA SER D 37 -21.76 -0.94 -13.20
C SER D 37 -20.69 0.09 -12.76
N PRO D 38 -19.89 -0.01 -11.67
CA PRO D 38 -18.93 1.11 -11.42
C PRO D 38 -17.94 1.30 -12.56
N LEU D 39 -17.55 0.20 -13.20
CA LEU D 39 -16.58 0.25 -14.30
C LEU D 39 -17.23 0.78 -15.58
N LEU D 40 -18.42 0.23 -15.92
CA LEU D 40 -19.12 0.68 -17.14
C LEU D 40 -19.45 2.17 -17.10
N THR D 41 -19.77 2.74 -15.93
CA THR D 41 -20.04 4.20 -15.90
C THR D 41 -18.73 5.01 -16.05
N THR D 42 -17.60 4.50 -15.53
CA THR D 42 -16.31 5.22 -15.62
C THR D 42 -15.81 5.29 -17.07
N ASP D 43 -15.93 4.18 -17.79
CA ASP D 43 -15.51 4.07 -19.18
C ASP D 43 -16.29 2.93 -19.81
N PRO D 44 -17.22 3.20 -20.75
CA PRO D 44 -17.96 2.08 -21.39
C PRO D 44 -17.04 1.03 -22.08
N ALA D 45 -15.78 1.38 -22.48
CA ALA D 45 -14.82 0.44 -23.11
C ALA D 45 -14.48 -0.70 -22.17
N PHE D 46 -14.72 -0.56 -20.85
CA PHE D 46 -14.57 -1.66 -19.92
C PHE D 46 -15.43 -2.84 -20.32
N ALA D 47 -16.50 -2.64 -21.17
CA ALA D 47 -17.39 -3.71 -21.62
C ALA D 47 -16.67 -4.72 -22.50
N ASP D 48 -15.62 -4.25 -23.23
CA ASP D 48 -14.80 -5.06 -24.16
C ASP D 48 -13.88 -6.00 -23.44
N ARG D 49 -13.58 -5.67 -22.19
CA ARG D 49 -12.67 -6.44 -21.35
C ARG D 49 -13.36 -7.64 -20.71
N GLY D 51 -12.08 -10.34 -19.44
CA GLY D 51 -11.44 -10.74 -18.19
C GLY D 51 -11.96 -9.97 -16.99
N THR D 52 -11.93 -8.61 -17.10
CA THR D 52 -12.42 -7.72 -16.04
C THR D 52 -13.96 -7.93 -15.83
N SER D 54 -15.61 -10.66 -16.28
CA SER D 54 -15.80 -11.96 -15.66
C SER D 54 -15.52 -11.80 -14.18
N HIS D 55 -14.52 -10.99 -13.82
CA HIS D 55 -14.22 -10.72 -12.42
C HIS D 55 -15.39 -10.00 -11.70
N GLN D 56 -15.96 -9.04 -12.35
CA GLN D 56 -17.15 -8.31 -11.83
C GLN D 56 -18.37 -9.21 -11.78
N ALA D 57 -18.57 -10.12 -12.79
CA ALA D 57 -19.76 -11.01 -12.82
C ALA D 57 -19.77 -12.06 -11.69
N TYR D 58 -18.61 -12.30 -11.09
CA TYR D 58 -18.48 -13.20 -9.95
C TYR D 58 -19.40 -12.76 -8.79
N GLY D 59 -19.55 -11.44 -8.54
CA GLY D 59 -20.39 -10.90 -7.46
C GLY D 59 -21.78 -11.44 -7.52
N PRO D 60 -22.55 -11.17 -8.61
CA PRO D 60 -23.92 -11.71 -8.68
C PRO D 60 -24.02 -13.24 -8.89
N LEU D 61 -23.10 -13.86 -9.65
CA LEU D 61 -23.19 -15.30 -9.93
C LEU D 61 -22.77 -16.13 -8.75
N VAL D 62 -21.74 -15.69 -8.00
CA VAL D 62 -21.16 -16.53 -6.96
C VAL D 62 -21.27 -15.90 -5.58
N GLY D 63 -20.83 -14.65 -5.47
CA GLY D 63 -20.87 -13.97 -4.18
C GLY D 63 -22.25 -13.85 -3.57
N VAL D 64 -23.26 -13.50 -4.40
CA VAL D 64 -24.64 -13.29 -3.88
C VAL D 64 -25.20 -14.63 -3.29
N PRO D 65 -25.15 -15.79 -4.01
CA PRO D 65 -25.69 -17.02 -3.37
C PRO D 65 -24.82 -17.46 -2.20
N ARG D 66 -23.50 -17.23 -2.26
CA ARG D 66 -22.63 -17.60 -1.12
C ARG D 66 -23.00 -16.79 0.14
N LEU D 67 -23.10 -15.44 -0.01
CA LEU D 67 -23.46 -14.55 1.08
C LEU D 67 -24.93 -14.81 1.56
N LEU D 68 -25.87 -15.10 0.63
CA LEU D 68 -27.25 -15.45 1.06
C LEU D 68 -27.25 -16.75 1.92
N GLY D 69 -26.38 -17.71 1.62
CA GLY D 69 -26.27 -18.95 2.40
C GLY D 69 -25.78 -18.69 3.81
N ILE D 70 -24.76 -17.84 3.96
CA ILE D 70 -24.19 -17.46 5.27
C ILE D 70 -25.23 -16.69 6.12
N LEU D 71 -25.95 -15.69 5.51
CA LEU D 71 -27.02 -14.95 6.22
C LEU D 71 -28.12 -15.91 6.68
N ASP D 72 -28.54 -16.83 5.80
CA ASP D 72 -29.56 -17.80 6.15
C ASP D 72 -29.10 -18.71 7.36
N GLU D 73 -27.85 -19.22 7.33
CA GLU D 73 -27.28 -20.05 8.39
C GLU D 73 -27.42 -19.46 9.82
N PHE D 74 -27.19 -18.14 9.98
CA PHE D 74 -27.26 -17.48 11.29
C PHE D 74 -28.56 -16.66 11.52
N ASN D 75 -29.50 -16.68 10.55
CA ASN D 75 -30.77 -15.97 10.54
C ASN D 75 -30.52 -14.47 10.76
N VAL D 76 -29.61 -13.92 9.94
CA VAL D 76 -29.19 -12.53 9.95
C VAL D 76 -29.86 -11.81 8.77
N PRO D 77 -30.53 -10.66 9.01
CA PRO D 77 -31.01 -9.87 7.87
C PRO D 77 -29.82 -9.10 7.26
N GLY D 78 -29.85 -8.99 5.95
CA GLY D 78 -28.83 -8.25 5.21
C GLY D 78 -29.51 -7.24 4.34
N THR D 79 -28.82 -6.15 3.98
CA THR D 79 -29.44 -5.17 3.11
C THR D 79 -28.60 -5.08 1.90
N PHE D 80 -29.23 -5.19 0.77
CA PHE D 80 -28.47 -5.20 -0.47
C PHE D 80 -28.81 -3.95 -1.23
N PHE D 81 -27.82 -3.15 -1.48
CA PHE D 81 -27.89 -1.94 -2.29
C PHE D 81 -27.59 -2.37 -3.70
N VAL D 82 -28.59 -2.26 -4.57
CA VAL D 82 -28.51 -2.82 -5.92
C VAL D 82 -28.64 -1.76 -7.03
N PRO D 83 -27.52 -1.38 -7.73
CA PRO D 83 -27.63 -0.51 -8.92
C PRO D 83 -28.69 -1.09 -9.87
N GLY D 84 -29.55 -0.25 -10.47
CA GLY D 84 -30.57 -0.78 -11.40
C GLY D 84 -30.01 -1.55 -12.57
N TYR D 85 -28.80 -1.18 -13.01
CA TYR D 85 -28.12 -1.93 -14.11
C TYR D 85 -27.80 -3.37 -13.68
N THR D 86 -27.36 -3.57 -12.43
CA THR D 86 -27.07 -4.92 -11.93
C THR D 86 -28.35 -5.78 -11.96
N ALA D 87 -29.50 -5.22 -11.54
CA ALA D 87 -30.78 -5.93 -11.58
C ALA D 87 -31.10 -6.34 -13.02
N HIS D 88 -30.90 -5.45 -13.96
CA HIS D 88 -31.22 -5.74 -15.37
C HIS D 88 -30.28 -6.78 -15.94
N ARG D 89 -28.97 -6.71 -15.64
CA ARG D 89 -28.00 -7.67 -16.18
C ARG D 89 -28.08 -9.01 -15.48
N HIS D 90 -28.33 -9.01 -14.14
CA HIS D 90 -28.38 -10.23 -13.33
C HIS D 90 -29.76 -10.33 -12.61
N PRO D 91 -30.89 -10.54 -13.33
CA PRO D 91 -32.19 -10.54 -12.65
C PRO D 91 -32.39 -11.67 -11.65
N GLU D 92 -31.94 -12.91 -11.98
CA GLU D 92 -32.14 -14.07 -11.13
C GLU D 92 -31.37 -13.91 -9.80
N PRO D 93 -30.05 -13.59 -9.76
CA PRO D 93 -29.40 -13.34 -8.46
C PRO D 93 -30.09 -12.25 -7.63
N ILE D 94 -30.58 -11.16 -8.29
CA ILE D 94 -31.26 -10.07 -7.60
C ILE D 94 -32.62 -10.56 -7.08
N ARG D 95 -33.36 -11.34 -7.89
CA ARG D 95 -34.62 -11.90 -7.45
C ARG D 95 -34.43 -12.81 -6.25
N SER D 96 -33.31 -13.60 -6.23
CA SER D 96 -33.02 -14.53 -5.13
C SER D 96 -32.83 -13.78 -3.80
N ILE D 97 -32.32 -12.57 -3.87
CA ILE D 97 -32.19 -11.73 -2.67
C ILE D 97 -33.59 -11.42 -2.09
N ALA D 98 -34.57 -11.00 -2.96
CA ALA D 98 -35.93 -10.68 -2.51
C ALA D 98 -36.64 -11.93 -1.98
N ARG D 99 -36.47 -13.06 -2.66
CA ARG D 99 -37.11 -14.32 -2.27
C ARG D 99 -36.68 -14.81 -0.90
N ALA D 100 -35.40 -14.59 -0.54
CA ALA D 100 -34.83 -14.95 0.74
C ALA D 100 -35.27 -13.98 1.84
N GLY D 101 -36.01 -12.95 1.46
CA GLY D 101 -36.59 -11.99 2.39
C GLY D 101 -35.71 -10.83 2.78
N HIS D 102 -34.54 -10.68 2.16
CA HIS D 102 -33.68 -9.53 2.49
C HIS D 102 -34.14 -8.26 1.80
N GLU D 103 -33.90 -7.13 2.45
CA GLU D 103 -34.19 -5.82 1.87
C GLU D 103 -33.29 -5.48 0.66
N ILE D 104 -33.90 -4.89 -0.37
CA ILE D 104 -33.14 -4.38 -1.51
C ILE D 104 -33.27 -2.83 -1.43
N ALA D 105 -32.14 -2.11 -1.50
CA ALA D 105 -32.14 -0.63 -1.49
C ALA D 105 -31.49 -0.08 -2.79
N HIS D 106 -31.70 1.21 -3.02
CA HIS D 106 -31.25 1.91 -4.22
C HIS D 106 -29.77 2.24 -4.18
N HIS D 107 -29.12 2.14 -5.38
CA HIS D 107 -27.70 2.47 -5.54
C HIS D 107 -27.51 2.95 -7.01
N GLY D 108 -28.38 3.84 -7.46
CA GLY D 108 -28.33 4.41 -8.80
C GLY D 108 -28.81 3.44 -9.83
N TYR D 109 -28.53 3.72 -11.12
CA TYR D 109 -28.89 2.80 -12.20
C TYR D 109 -27.58 2.20 -12.66
N LEU D 110 -26.75 2.97 -13.40
CA LEU D 110 -25.43 2.48 -13.77
C LEU D 110 -24.41 2.97 -12.73
N HIS D 111 -24.73 2.89 -11.42
CA HIS D 111 -23.76 3.29 -10.37
C HIS D 111 -23.08 4.67 -10.68
N GLU D 112 -23.86 5.65 -11.19
CA GLU D 112 -23.35 6.93 -11.69
C GLU D 112 -22.77 7.82 -10.62
N SER D 113 -21.61 8.40 -10.92
CA SER D 113 -21.02 9.43 -10.08
C SER D 113 -21.99 10.63 -10.05
N LEU D 114 -22.20 11.23 -8.85
CA LEU D 114 -23.11 12.40 -8.72
C LEU D 114 -22.33 13.71 -8.77
N VAL D 115 -21.02 13.62 -8.94
CA VAL D 115 -20.14 14.77 -9.01
C VAL D 115 -20.54 15.52 -10.29
N GLY D 116 -20.94 16.78 -10.15
CA GLY D 116 -21.38 17.60 -11.28
C GLY D 116 -22.83 17.33 -11.69
N ALA D 117 -23.56 16.46 -10.95
CA ALA D 117 -24.96 16.19 -11.34
C ALA D 117 -25.91 17.30 -10.86
N ASP D 118 -26.84 17.71 -11.72
CA ASP D 118 -27.85 18.64 -11.28
C ASP D 118 -29.05 17.81 -10.76
N GLU D 119 -30.02 18.46 -10.13
CA GLU D 119 -31.17 17.75 -9.56
C GLU D 119 -31.97 16.99 -10.61
N ASP D 120 -32.09 17.50 -11.88
CA ASP D 120 -32.86 16.76 -12.90
C ASP D 120 -32.19 15.40 -13.28
N THR D 121 -30.86 15.41 -13.50
CA THR D 121 -30.07 14.21 -13.82
C THR D 121 -30.25 13.20 -12.69
N GLU D 122 -30.17 13.70 -11.42
CA GLU D 122 -30.32 12.84 -10.24
C GLU D 122 -31.74 12.28 -10.09
N ARG D 123 -32.79 13.11 -10.36
N ARG D 123 -32.78 13.11 -10.39
CA ARG D 123 -34.17 12.63 -10.26
CA ARG D 123 -34.19 12.72 -10.34
C ARG D 123 -34.40 11.52 -11.29
C ARG D 123 -34.46 11.59 -11.31
N LYS D 124 -33.92 11.71 -12.54
CA LYS D 124 -34.06 10.73 -13.62
C LYS D 124 -33.38 9.38 -13.24
N ILE D 125 -32.26 9.42 -12.49
CA ILE D 125 -31.54 8.21 -12.09
C ILE D 125 -32.35 7.52 -10.97
N LEU D 126 -32.89 8.29 -10.01
CA LEU D 126 -33.73 7.72 -8.94
C LEU D 126 -34.89 6.94 -9.58
N THR D 127 -35.56 7.56 -10.55
CA THR D 127 -36.70 6.96 -11.26
C THR D 127 -36.24 5.69 -11.99
N ARG D 128 -35.11 5.75 -12.73
CA ARG D 128 -34.59 4.61 -13.50
C ARG D 128 -34.26 3.44 -12.60
N GLY D 129 -33.61 3.74 -11.48
CA GLY D 129 -33.27 2.74 -10.49
C GLY D 129 -34.50 2.10 -9.87
N ILE D 130 -35.51 2.89 -9.45
CA ILE D 130 -36.74 2.38 -8.82
C ILE D 130 -37.48 1.46 -9.77
N GLU D 131 -37.64 1.89 -11.04
CA GLU D 131 -38.34 1.13 -12.08
C GLU D 131 -37.60 -0.19 -12.42
N ALA D 132 -36.27 -0.17 -12.49
CA ALA D 132 -35.52 -1.41 -12.72
C ALA D 132 -35.75 -2.38 -11.55
N LEU D 133 -35.69 -1.91 -10.28
CA LEU D 133 -35.86 -2.75 -9.10
C LEU D 133 -37.27 -3.32 -9.01
N GLU D 134 -38.26 -2.48 -9.36
CA GLU D 134 -39.66 -2.84 -9.38
C GLU D 134 -39.93 -3.88 -10.44
N GLU D 135 -39.42 -3.65 -11.67
CA GLU D 135 -39.60 -4.57 -12.81
C GLU D 135 -38.82 -5.90 -12.60
N VAL D 136 -37.62 -5.84 -12.00
CA VAL D 136 -36.85 -7.04 -11.83
C VAL D 136 -37.32 -7.86 -10.61
N ALA D 137 -37.34 -7.26 -9.43
CA ALA D 137 -37.58 -7.99 -8.19
C ALA D 137 -38.87 -7.61 -7.47
N GLY D 138 -39.71 -6.77 -8.10
CA GLY D 138 -41.00 -6.36 -7.50
C GLY D 138 -40.85 -5.60 -6.21
N VAL D 139 -39.70 -4.96 -6.02
CA VAL D 139 -39.45 -4.23 -4.80
C VAL D 139 -39.41 -2.74 -5.06
N HIS D 140 -39.96 -1.97 -4.13
CA HIS D 140 -39.84 -0.53 -4.18
C HIS D 140 -38.87 -0.11 -3.04
N PRO D 141 -37.67 0.38 -3.39
CA PRO D 141 -36.66 0.66 -2.33
C PRO D 141 -37.06 1.85 -1.43
N VAL D 142 -36.85 1.71 -0.10
CA VAL D 142 -37.09 2.75 0.92
C VAL D 142 -35.69 3.30 1.39
N GLY D 143 -34.63 2.64 0.97
CA GLY D 143 -33.26 3.00 1.29
C GLY D 143 -32.46 3.42 0.09
N TYR D 144 -31.45 4.26 0.31
CA TYR D 144 -30.55 4.73 -0.72
C TYR D 144 -29.14 4.83 -0.16
N ARG D 145 -28.15 4.60 -1.06
CA ARG D 145 -26.71 4.83 -0.84
C ARG D 145 -26.16 5.42 -2.14
N ALA D 146 -25.47 6.54 -2.07
CA ALA D 146 -24.93 7.13 -3.30
C ALA D 146 -23.77 6.30 -3.84
N PRO D 147 -23.76 6.01 -5.17
CA PRO D 147 -22.60 5.34 -5.78
C PRO D 147 -21.35 6.14 -5.44
N TRP D 149 -20.19 6.73 -2.55
CA TRP D 149 -20.43 7.38 -1.25
C TRP D 149 -20.23 8.88 -1.36
N GLU D 150 -20.72 9.42 -2.46
CA GLU D 150 -20.57 10.86 -2.73
C GLU D 150 -21.84 11.41 -3.29
N ASN D 152 -24.59 15.35 -3.64
CA ASN D 152 -24.59 16.79 -3.65
C ASN D 152 -25.36 17.31 -2.46
N TRP D 153 -25.17 18.59 -2.10
CA TRP D 153 -25.88 19.20 -0.96
C TRP D 153 -27.36 19.21 -1.19
N HIS D 154 -27.80 19.09 -2.47
CA HIS D 154 -29.23 19.05 -2.84
C HIS D 154 -29.79 17.60 -2.86
N THR D 155 -28.93 16.55 -2.73
CA THR D 155 -29.39 15.17 -2.83
C THR D 155 -30.36 14.79 -1.69
N PRO D 156 -30.09 15.04 -0.40
CA PRO D 156 -31.05 14.60 0.64
C PRO D 156 -32.53 15.00 0.37
N LYS D 157 -32.75 16.24 -0.13
CA LYS D 157 -34.10 16.76 -0.35
C LYS D 157 -34.76 15.98 -1.45
N LEU D 158 -33.98 15.53 -2.45
CA LEU D 158 -34.49 14.70 -3.56
C LEU D 158 -34.94 13.35 -3.01
N LEU D 159 -34.14 12.77 -2.07
CA LEU D 159 -34.41 11.48 -1.46
C LEU D 159 -35.69 11.53 -0.64
N ALA D 160 -35.86 12.61 0.14
CA ALA D 160 -37.10 12.88 0.91
C ALA D 160 -38.28 13.01 -0.03
N GLU D 161 -38.12 13.79 -1.14
CA GLU D 161 -39.22 13.99 -2.10
C GLU D 161 -39.61 12.71 -2.86
N PHE D 162 -38.67 11.78 -3.03
CA PHE D 162 -38.96 10.52 -3.68
C PHE D 162 -39.51 9.50 -2.67
N GLY D 163 -39.75 9.93 -1.44
CA GLY D 163 -40.34 9.10 -0.40
C GLY D 163 -39.39 8.13 0.28
N PHE D 164 -38.07 8.36 0.17
CA PHE D 164 -37.08 7.46 0.80
C PHE D 164 -37.15 7.55 2.34
N LEU D 165 -36.99 6.42 3.01
CA LEU D 165 -36.96 6.37 4.46
C LEU D 165 -35.61 6.82 4.96
N TYR D 166 -34.53 6.31 4.37
CA TYR D 166 -33.21 6.66 4.87
C TYR D 166 -32.20 6.75 3.76
N ASP D 167 -31.04 7.36 4.07
CA ASP D 167 -29.84 7.37 3.24
C ASP D 167 -28.72 6.75 4.08
N SER D 168 -27.75 6.06 3.45
CA SER D 168 -26.60 5.52 4.17
C SER D 168 -25.34 5.89 3.38
N THR D 169 -25.01 7.16 3.29
CA THR D 169 -23.89 7.68 2.49
C THR D 169 -22.94 8.57 3.30
N LEU D 170 -23.51 9.26 4.30
CA LEU D 170 -22.75 10.27 5.03
C LEU D 170 -21.90 9.69 6.18
N ASP D 172 -20.51 11.84 9.04
CA ASP D 172 -20.24 12.90 10.06
C ASP D 172 -20.67 12.44 11.45
N SER D 173 -20.95 11.14 11.61
CA SER D 173 -21.52 10.70 12.87
C SER D 173 -21.34 9.22 13.13
N ASP D 174 -21.28 8.83 14.42
CA ASP D 174 -21.30 7.42 14.81
C ASP D 174 -22.74 7.02 15.01
N HIS D 175 -23.65 7.99 15.16
CA HIS D 175 -25.07 7.70 15.45
C HIS D 175 -25.98 7.99 14.31
N PRO D 176 -27.11 7.26 14.19
CA PRO D 176 -28.10 7.63 13.17
C PRO D 176 -28.70 8.98 13.55
N TYR D 177 -29.26 9.73 12.58
CA TYR D 177 -29.89 11.01 12.88
C TYR D 177 -30.92 11.31 11.82
N GLU D 178 -31.69 12.40 11.97
CA GLU D 178 -32.68 12.85 11.00
C GLU D 178 -32.02 13.94 10.21
N LEU D 179 -32.05 13.84 8.88
CA LEU D 179 -31.41 14.89 8.07
C LEU D 179 -32.35 16.06 7.86
N ALA D 180 -31.85 17.32 7.91
CA ALA D 180 -32.70 18.49 7.65
C ALA D 180 -32.92 18.57 6.15
N VAL D 181 -34.20 18.37 5.76
CA VAL D 181 -34.62 18.24 4.37
C VAL D 181 -35.90 19.05 4.16
N GLY D 182 -36.05 20.13 4.93
CA GLY D 182 -37.24 20.97 4.88
C GLY D 182 -38.47 20.29 5.47
N ASP D 183 -39.63 20.39 4.77
CA ASP D 183 -40.92 19.84 5.21
C ASP D 183 -40.93 18.29 5.30
N GLY D 184 -40.09 17.65 4.48
CA GLY D 184 -39.94 16.21 4.38
C GLY D 184 -39.15 15.63 5.53
N SER D 185 -38.86 14.33 5.43
CA SER D 185 -38.08 13.62 6.45
C SER D 185 -37.17 12.62 5.78
N LEU D 186 -36.02 12.32 6.41
CA LEU D 186 -35.05 11.34 5.89
C LEU D 186 -34.09 10.99 6.98
N VAL D 187 -34.05 9.73 7.31
CA VAL D 187 -33.08 9.21 8.26
C VAL D 187 -31.72 9.08 7.57
N GLU D 188 -30.63 9.41 8.29
CA GLU D 188 -29.27 9.14 7.88
C GLU D 188 -28.74 7.98 8.73
N LEU D 189 -28.22 6.90 8.09
CA LEU D 189 -27.57 5.74 8.73
C LEU D 189 -26.13 5.78 8.32
N PRO D 190 -25.31 6.51 9.11
CA PRO D 190 -23.95 6.85 8.66
C PRO D 190 -23.00 5.68 8.45
N VAL D 191 -22.02 5.91 7.58
CA VAL D 191 -21.05 4.89 7.21
C VAL D 191 -19.60 5.40 7.44
N SER D 192 -18.63 4.59 7.07
CA SER D 192 -17.18 4.90 7.22
C SER D 192 -16.35 4.12 6.18
N TRP D 193 -15.25 4.70 5.64
CA TRP D 193 -14.37 3.98 4.71
C TRP D 193 -13.73 2.76 5.41
N ALA D 194 -13.48 2.82 6.74
CA ALA D 194 -12.91 1.71 7.51
C ALA D 194 -13.83 0.45 7.48
N LEU D 195 -15.14 0.68 7.36
CA LEU D 195 -16.14 -0.38 7.38
C LEU D 195 -16.62 -0.71 5.95
N ASP D 196 -15.68 -0.80 5.06
CA ASP D 196 -15.86 -1.12 3.65
C ASP D 196 -14.79 -2.15 3.23
N ASP D 197 -15.16 -3.18 2.39
CA ASP D 197 -14.15 -4.21 1.98
C ASP D 197 -13.35 -3.75 0.74
N TRP D 198 -13.82 -2.69 0.07
CA TRP D 198 -13.19 -2.20 -1.18
C TRP D 198 -11.71 -1.85 -0.99
N GLN D 199 -11.40 -1.07 0.08
CA GLN D 199 -10.05 -0.64 0.45
C GLN D 199 -9.16 -1.86 0.83
N GLN D 200 -9.82 -2.93 1.36
CA GLN D 200 -9.14 -4.15 1.82
C GLN D 200 -8.80 -5.14 0.70
N TYR D 201 -9.76 -5.40 -0.18
CA TYR D 201 -9.64 -6.49 -1.14
C TYR D 201 -9.55 -6.08 -2.62
N CYS D 202 -10.05 -4.88 -3.00
CA CYS D 202 -10.14 -4.54 -4.42
C CYS D 202 -8.80 -4.25 -5.12
N PHE D 203 -8.65 -4.98 -6.23
CA PHE D 203 -7.62 -4.83 -7.25
C PHE D 203 -8.27 -5.15 -8.60
N VAL D 204 -8.48 -4.09 -9.37
CA VAL D 204 -9.02 -4.21 -10.73
C VAL D 204 -8.04 -3.40 -11.61
N PRO D 205 -7.24 -4.05 -12.50
CA PRO D 205 -6.31 -3.28 -13.33
C PRO D 205 -7.03 -2.20 -14.16
N ASP D 206 -6.40 -1.02 -14.22
CA ASP D 206 -6.82 0.20 -14.93
C ASP D 206 -8.11 0.81 -14.36
N PHE D 207 -8.62 0.31 -13.19
CA PHE D 207 -9.82 0.87 -12.58
C PHE D 207 -9.60 1.29 -11.09
N SER D 208 -9.27 0.34 -10.20
CA SER D 208 -9.14 0.62 -8.74
C SER D 208 -8.18 -0.36 -8.05
N GLY D 209 -7.53 0.11 -6.98
CA GLY D 209 -6.55 -0.66 -6.22
C GLY D 209 -5.16 -0.59 -6.83
N THR D 210 -4.16 -0.52 -5.95
CA THR D 210 -2.72 -0.39 -6.30
C THR D 210 -2.00 -1.77 -6.43
N GLY D 211 -2.66 -2.81 -5.93
CA GLY D 211 -2.12 -4.16 -5.87
C GLY D 211 -2.22 -4.73 -4.48
N LEU D 212 -2.43 -3.87 -3.44
CA LEU D 212 -2.61 -4.35 -2.08
C LEU D 212 -3.93 -5.17 -2.00
N ILE D 213 -3.80 -6.41 -1.55
CA ILE D 213 -4.90 -7.33 -1.31
C ILE D 213 -4.63 -7.88 0.06
N GLU D 214 -5.45 -7.45 1.06
CA GLU D 214 -5.28 -7.86 2.46
C GLU D 214 -5.73 -9.29 2.73
N THR D 215 -5.14 -9.92 3.76
CA THR D 215 -5.64 -11.20 4.20
C THR D 215 -7.08 -11.02 4.78
N PRO D 216 -7.94 -12.05 4.71
CA PRO D 216 -9.27 -11.93 5.32
C PRO D 216 -9.19 -11.71 6.85
N ALA D 217 -8.18 -12.27 7.55
CA ALA D 217 -8.04 -12.07 9.02
C ALA D 217 -7.73 -10.57 9.38
N LYS D 218 -7.04 -9.85 8.47
CA LYS D 218 -6.67 -8.45 8.68
C LYS D 218 -7.91 -7.56 8.56
N ALA D 219 -8.74 -7.76 7.49
CA ALA D 219 -10.03 -7.06 7.31
C ALA D 219 -10.91 -7.29 8.51
N ILE D 220 -11.12 -8.55 8.91
CA ILE D 220 -11.95 -8.85 10.07
C ILE D 220 -11.38 -8.19 11.30
N GLU D 221 -10.06 -8.23 11.51
CA GLU D 221 -9.44 -7.60 12.69
C GLU D 221 -9.81 -6.10 12.75
N LEU D 222 -9.71 -5.39 11.61
CA LEU D 222 -10.03 -3.98 11.48
C LEU D 222 -11.50 -3.71 11.85
N TRP D 223 -12.43 -4.54 11.34
CA TRP D 223 -13.84 -4.31 11.56
C TRP D 223 -14.23 -4.64 12.99
N ARG D 224 -13.60 -5.63 13.60
CA ARG D 224 -13.89 -6.02 14.97
C ARG D 224 -13.34 -4.97 15.98
N ALA D 225 -12.23 -4.31 15.67
CA ALA D 225 -11.71 -3.22 16.54
C ALA D 225 -12.73 -2.08 16.61
N GLU D 226 -13.25 -1.71 15.45
CA GLU D 226 -14.31 -0.73 15.23
C GLU D 226 -15.63 -1.15 15.92
N LEU D 227 -16.08 -2.39 15.69
CA LEU D 227 -17.31 -2.88 16.32
C LEU D 227 -17.19 -2.86 17.80
N ASN D 228 -16.07 -3.30 18.36
CA ASN D 228 -15.92 -3.33 19.84
C ASN D 228 -15.95 -1.97 20.45
N ALA D 229 -15.40 -0.97 19.73
CA ALA D 229 -15.43 0.41 20.22
C ALA D 229 -16.83 1.00 20.00
N ARG D 231 -19.67 -0.62 20.22
CA ARG D 231 -20.47 -1.23 21.30
C ARG D 231 -20.36 -0.38 22.54
N ASP D 232 -19.19 0.24 22.79
CA ASP D 232 -19.09 1.15 23.95
C ASP D 232 -19.70 2.54 23.62
N ILE D 233 -19.81 2.91 22.32
CA ILE D 233 -20.32 4.23 21.93
C ILE D 233 -21.87 4.18 21.80
N GLY D 234 -22.42 3.08 21.32
CA GLY D 234 -23.87 2.92 21.22
C GLY D 234 -24.51 3.42 19.94
N GLY D 235 -23.70 3.51 18.89
CA GLY D 235 -24.19 3.97 17.58
C GLY D 235 -24.67 2.80 16.73
N ALA D 236 -24.80 3.02 15.41
CA ALA D 236 -25.17 1.93 14.49
C ALA D 236 -23.94 1.62 13.68
N TRP D 237 -23.41 0.39 13.83
CA TRP D 237 -22.20 -0.01 13.11
C TRP D 237 -22.65 -0.60 11.80
N VAL D 238 -22.38 0.08 10.68
CA VAL D 238 -22.87 -0.38 9.36
C VAL D 238 -21.69 -0.91 8.56
N LEU D 239 -21.69 -2.22 8.24
CA LEU D 239 -20.64 -2.79 7.43
C LEU D 239 -21.06 -2.77 5.97
N THR D 240 -20.14 -2.48 5.09
CA THR D 240 -20.40 -2.54 3.67
C THR D 240 -19.40 -3.55 2.99
N ASN D 241 -19.97 -4.53 2.25
CA ASN D 241 -19.20 -5.56 1.54
C ASN D 241 -19.69 -5.62 0.10
N HIS D 242 -18.83 -6.03 -0.85
CA HIS D 242 -19.25 -6.11 -2.25
C HIS D 242 -19.22 -7.56 -2.64
N PRO D 243 -20.33 -8.26 -2.99
CA PRO D 243 -20.22 -9.69 -3.31
C PRO D 243 -19.05 -10.07 -4.22
N PHE D 244 -18.64 -9.24 -5.22
CA PHE D 244 -17.56 -9.57 -6.16
C PHE D 244 -16.19 -9.65 -5.46
N LEU D 245 -16.10 -9.12 -4.23
CA LEU D 245 -14.86 -9.11 -3.43
C LEU D 245 -15.00 -10.07 -2.29
N SER D 246 -15.92 -9.80 -1.36
CA SER D 246 -16.18 -10.61 -0.15
C SER D 246 -16.88 -11.93 -0.40
N GLY D 247 -17.37 -12.16 -1.62
CA GLY D 247 -17.98 -13.44 -1.99
C GLY D 247 -16.93 -14.52 -2.27
N ARG D 248 -15.62 -14.15 -2.40
CA ARG D 248 -14.53 -15.07 -2.62
C ARG D 248 -14.40 -16.00 -1.48
N PRO D 249 -14.01 -17.26 -1.80
CA PRO D 249 -14.05 -18.33 -0.80
C PRO D 249 -13.49 -17.93 0.57
N GLY D 250 -12.23 -17.49 0.61
CA GLY D 250 -11.52 -17.13 1.85
C GLY D 250 -12.13 -15.98 2.64
N ARG D 251 -12.58 -14.96 1.95
CA ARG D 251 -13.19 -13.72 2.47
C ARG D 251 -14.57 -14.03 3.03
N ALA D 252 -15.37 -14.87 2.29
CA ALA D 252 -16.70 -15.25 2.75
C ALA D 252 -16.60 -16.09 4.01
N ALA D 253 -15.62 -17.05 4.06
CA ALA D 253 -15.41 -17.94 5.20
C ALA D 253 -15.06 -17.13 6.46
N ALA D 254 -14.20 -16.10 6.33
CA ALA D 254 -13.82 -15.19 7.42
C ALA D 254 -15.02 -14.35 7.83
N LEU D 255 -15.81 -13.81 6.85
CA LEU D 255 -17.04 -13.05 7.16
C LEU D 255 -18.05 -13.97 7.91
N ARG D 256 -18.18 -15.23 7.46
CA ARG D 256 -19.09 -16.20 8.08
C ARG D 256 -18.77 -16.34 9.56
N GLU D 257 -17.48 -16.52 9.93
CA GLU D 257 -17.06 -16.67 11.35
C GLU D 257 -17.22 -15.35 12.13
N PHE D 258 -17.00 -14.21 11.46
CA PHE D 258 -17.22 -12.92 12.15
C PHE D 258 -18.72 -12.76 12.47
N ILE D 259 -19.61 -13.07 11.51
CA ILE D 259 -21.07 -12.99 11.73
C ILE D 259 -21.49 -13.89 12.92
N ALA D 260 -20.91 -15.11 13.03
CA ALA D 260 -21.20 -16.04 14.15
C ALA D 260 -20.83 -15.37 15.49
N GLU D 261 -19.65 -14.69 15.56
CA GLU D 261 -19.20 -14.01 16.77
C GLU D 261 -20.16 -12.88 17.17
N VAL D 262 -20.65 -12.15 16.16
CA VAL D 262 -21.53 -10.98 16.32
C VAL D 262 -22.91 -11.44 16.77
N CYS D 263 -23.45 -12.55 16.20
CA CYS D 263 -24.74 -13.11 16.69
C CYS D 263 -24.62 -13.55 18.15
N ALA D 264 -23.40 -13.88 18.63
CA ALA D 264 -23.20 -14.30 20.03
C ALA D 264 -23.10 -13.13 21.05
N ASP D 266 -24.78 -10.46 23.17
CA ASP D 266 -26.12 -10.14 23.69
C ASP D 266 -26.45 -8.63 23.67
N ASP D 267 -25.42 -7.79 23.56
CA ASP D 267 -25.68 -6.34 23.64
C ASP D 267 -26.03 -5.76 22.26
N VAL D 268 -25.81 -6.52 21.18
CA VAL D 268 -25.99 -6.00 19.81
C VAL D 268 -27.39 -6.31 19.22
N TRP D 269 -27.94 -5.33 18.45
CA TRP D 269 -29.13 -5.49 17.64
C TRP D 269 -28.68 -5.64 16.22
N VAL D 270 -28.75 -6.87 15.69
CA VAL D 270 -28.38 -7.17 14.32
C VAL D 270 -29.65 -6.97 13.49
N ALA D 271 -29.65 -6.00 12.53
CA ALA D 271 -30.91 -5.71 11.86
C ALA D 271 -30.75 -5.27 10.42
N GLY D 272 -31.88 -5.22 9.72
CA GLY D 272 -31.93 -4.69 8.36
C GLY D 272 -31.90 -3.17 8.40
N SER D 274 -33.81 -0.83 6.91
CA SER D 274 -35.13 -0.21 7.13
C SER D 274 -35.64 -0.44 8.56
N GLN D 275 -35.31 -1.59 9.20
N GLN D 275 -35.29 -1.57 9.22
CA GLN D 275 -35.69 -1.89 10.61
CA GLN D 275 -35.74 -1.82 10.60
C GLN D 275 -35.01 -0.87 11.54
C GLN D 275 -34.99 -0.91 11.58
N ILE D 276 -33.71 -0.58 11.29
CA ILE D 276 -32.94 0.37 12.12
C ILE D 276 -33.52 1.78 11.93
N ALA D 277 -33.81 2.16 10.66
CA ALA D 277 -34.30 3.47 10.30
C ALA D 277 -35.68 3.74 10.87
N GLU D 278 -36.61 2.77 10.79
CA GLU D 278 -37.92 2.94 11.40
C GLU D 278 -37.81 3.11 12.90
N HIS D 279 -36.84 2.42 13.54
CA HIS D 279 -36.66 2.55 14.98
C HIS D 279 -36.13 3.91 15.28
N VAL D 280 -35.30 4.46 14.41
CA VAL D 280 -34.76 5.82 14.58
C VAL D 280 -35.92 6.83 14.40
N ARG D 281 -36.66 6.70 13.28
CA ARG D 281 -37.77 7.56 12.92
C ARG D 281 -38.81 7.64 14.05
N ALA D 282 -39.03 6.53 14.77
CA ALA D 282 -40.01 6.49 15.87
C ALA D 282 -39.53 7.34 17.08
N GLN D 283 -38.23 7.66 17.16
CA GLN D 283 -37.70 8.46 18.27
C GLN D 283 -37.95 9.99 18.09
N LYS D 284 -38.35 10.43 16.86
CA LYS D 284 -38.69 11.81 16.52
C LYS D 284 -37.57 12.81 16.89
N LEU D 285 -36.38 12.61 16.33
CA LEU D 285 -35.20 13.41 16.60
C LEU D 285 -35.29 14.78 15.88
N THR D 286 -34.55 15.78 16.39
CA THR D 286 -34.49 17.10 15.77
C THR D 286 -33.59 16.99 14.54
N PRO D 287 -34.12 17.34 13.35
CA PRO D 287 -33.30 17.24 12.13
C PRO D 287 -32.06 18.11 12.20
N ARG D 288 -30.94 17.66 11.60
CA ARG D 288 -29.66 18.38 11.54
C ARG D 288 -29.05 18.15 10.18
N THR D 289 -28.10 18.96 9.80
CA THR D 289 -27.42 18.83 8.51
C THR D 289 -26.22 19.69 8.48
N LEU D 290 -25.20 19.23 7.79
CA LEU D 290 -24.05 20.07 7.50
C LEU D 290 -24.51 20.99 6.41
N THR D 291 -23.79 22.08 6.21
CA THR D 291 -24.04 23.05 5.16
C THR D 291 -22.76 23.20 4.34
N ARG D 292 -22.92 23.54 3.05
CA ARG D 292 -21.80 23.74 2.15
C ARG D 292 -20.76 24.70 2.71
N PRO D 293 -19.43 24.36 2.73
CA PRO D 293 -18.45 25.34 3.20
C PRO D 293 -18.43 26.58 2.29
N GLU D 294 -18.42 27.76 2.93
CA GLU D 294 -18.37 29.03 2.25
C GLU D 294 -16.92 29.44 2.15
N LEU D 295 -16.52 29.94 0.99
CA LEU D 295 -15.16 30.39 0.75
C LEU D 295 -15.15 31.79 0.15
N THR D 296 -14.52 32.76 0.84
CA THR D 296 -14.42 34.16 0.37
C THR D 296 -13.19 34.37 -0.52
#